data_3LNZ
#
_entry.id   3LNZ
#
_cell.length_a   90.544
_cell.length_b   90.544
_cell.length_c   196.837
_cell.angle_alpha   90.00
_cell.angle_beta   90.00
_cell.angle_gamma   120.00
#
_symmetry.space_group_name_H-M   'P 32 1 2'
#
loop_
_entity.id
_entity.type
_entity.pdbx_description
1 polymer 'E3 ubiquitin-protein ligase Mdm2'
2 polymer '12-mer peptide inhibitor'
3 non-polymer 'CHLORIDE ION'
4 water water
#
loop_
_entity_poly.entity_id
_entity_poly.type
_entity_poly.pdbx_seq_one_letter_code
_entity_poly.pdbx_strand_id
1 'polypeptide(L)'
;ETLVRPKPLLLKLLKSVGAQKDTYTMKEVLFYLGQYIMTKRLYDEKQQHIVYCSNDLLGDLFGVPSFSVKEHRKIYTMIY
RNLVV
;
A,C,E,G,I,K,M,O
2 'polypeptide(L)' TSFAEYWALLSP B,D,F,H,J,L,N,P
#
loop_
_chem_comp.id
_chem_comp.type
_chem_comp.name
_chem_comp.formula
CL non-polymer 'CHLORIDE ION' 'Cl -1'
#
# COMPACT_ATOMS: atom_id res chain seq x y z
N GLU A 1 -0.20 -15.12 -22.71
CA GLU A 1 -0.68 -13.83 -22.18
C GLU A 1 -1.15 -12.96 -23.33
N THR A 2 -1.99 -11.96 -23.02
CA THR A 2 -2.51 -11.05 -24.05
C THR A 2 -1.41 -10.28 -24.72
N LEU A 3 -1.61 -10.02 -26.01
CA LEU A 3 -0.77 -9.19 -26.79
C LEU A 3 -1.40 -7.80 -26.81
N VAL A 4 -0.59 -6.77 -26.56
CA VAL A 4 -0.96 -5.32 -26.59
C VAL A 4 -0.39 -4.68 -27.86
N ARG A 5 -0.96 -3.57 -28.32
CA ARG A 5 -0.55 -2.95 -29.59
C ARG A 5 0.03 -1.55 -29.32
N PRO A 6 1.37 -1.41 -29.34
CA PRO A 6 1.95 -0.06 -29.15
C PRO A 6 1.49 0.97 -30.15
N LYS A 7 1.19 2.16 -29.61
CA LYS A 7 0.90 3.34 -30.39
C LYS A 7 2.20 3.78 -31.09
N PRO A 8 2.10 4.68 -32.09
CA PRO A 8 3.26 4.89 -32.94
C PRO A 8 4.56 5.29 -32.29
N LEU A 9 4.55 6.22 -31.33
CA LEU A 9 5.81 6.71 -30.72
C LEU A 9 6.49 5.60 -29.98
N LEU A 10 5.69 4.84 -29.24
CA LEU A 10 6.25 3.77 -28.45
C LEU A 10 6.64 2.62 -29.41
N LEU A 11 5.93 2.41 -30.51
CA LEU A 11 6.39 1.38 -31.44
C LEU A 11 7.76 1.77 -32.03
N LYS A 12 7.88 3.02 -32.46
CA LYS A 12 9.15 3.57 -32.93
C LYS A 12 10.22 3.36 -31.87
N LEU A 13 9.86 3.58 -30.60
CA LEU A 13 10.87 3.47 -29.53
C LEU A 13 11.33 2.00 -29.42
N LEU A 14 10.39 1.05 -29.51
CA LEU A 14 10.73 -0.39 -29.28
C LEU A 14 11.58 -0.93 -30.41
N LYS A 15 11.18 -0.60 -31.63
CA LYS A 15 11.92 -0.91 -32.87
C LYS A 15 13.30 -0.31 -32.90
N SER A 16 13.49 0.84 -32.25
CA SER A 16 14.78 1.49 -32.31
C SER A 16 15.80 0.65 -31.57
N VAL A 17 15.34 -0.31 -30.76
CA VAL A 17 16.28 -1.24 -30.12
C VAL A 17 15.98 -2.71 -30.52
N GLY A 18 15.48 -2.90 -31.74
CA GLY A 18 15.41 -4.21 -32.39
C GLY A 18 14.16 -5.06 -32.23
N ALA A 19 13.11 -4.54 -31.59
CA ALA A 19 11.84 -5.25 -31.54
C ALA A 19 11.24 -5.16 -32.91
N GLN A 20 10.57 -6.23 -33.33
CA GLN A 20 10.29 -6.42 -34.75
C GLN A 20 8.85 -6.87 -35.02
N LYS A 21 7.93 -6.50 -34.13
CA LYS A 21 6.55 -6.91 -34.23
C LYS A 21 5.69 -5.68 -33.96
N ASP A 22 4.38 -5.77 -34.32
CA ASP A 22 3.41 -4.69 -34.04
C ASP A 22 2.66 -4.92 -32.73
N THR A 23 2.76 -6.13 -32.19
CA THR A 23 2.04 -6.56 -30.98
C THR A 23 2.97 -7.42 -30.12
N TYR A 24 2.78 -7.34 -28.79
CA TYR A 24 3.77 -7.74 -27.77
C TYR A 24 3.05 -8.04 -26.48
N THR A 25 3.59 -8.96 -25.66
CA THR A 25 3.16 -9.12 -24.27
C THR A 25 3.61 -7.89 -23.51
N MET A 26 2.92 -7.56 -22.41
CA MET A 26 3.38 -6.46 -21.56
C MET A 26 4.81 -6.70 -21.10
N LYS A 27 5.08 -7.93 -20.74
CA LYS A 27 6.42 -8.29 -20.29
C LYS A 27 7.53 -7.93 -21.31
N GLU A 28 7.26 -8.09 -22.60
CA GLU A 28 8.24 -7.75 -23.62
C GLU A 28 8.29 -6.24 -23.81
N VAL A 29 7.12 -5.59 -23.74
CA VAL A 29 7.08 -4.12 -23.79
C VAL A 29 8.02 -3.63 -22.67
N LEU A 30 7.89 -4.17 -21.45
CA LEU A 30 8.77 -3.73 -20.35
C LEU A 30 10.27 -4.07 -20.54
N PHE A 31 10.56 -5.27 -21.08
CA PHE A 31 11.97 -5.59 -21.46
C PHE A 31 12.66 -4.57 -22.41
N TYR A 32 11.99 -4.26 -23.53
CA TYR A 32 12.50 -3.38 -24.58
C TYR A 32 12.52 -1.90 -24.17
N LEU A 33 11.53 -1.53 -23.38
CA LEU A 33 11.50 -0.18 -22.86
C LEU A 33 12.59 0.00 -21.82
N GLY A 34 12.84 -1.03 -21.01
CA GLY A 34 14.06 -0.93 -20.16
C GLY A 34 15.37 -0.85 -20.98
N GLN A 35 15.46 -1.66 -22.03
CA GLN A 35 16.68 -1.79 -22.87
C GLN A 35 16.94 -0.44 -23.46
N TYR A 36 15.88 0.25 -23.86
CA TYR A 36 15.95 1.52 -24.57
C TYR A 36 16.51 2.59 -23.65
N ILE A 37 15.96 2.65 -22.42
CA ILE A 37 16.41 3.62 -21.41
C ILE A 37 17.90 3.41 -21.19
N MET A 38 18.36 2.14 -21.08
CA MET A 38 19.82 1.90 -20.87
C MET A 38 20.64 2.15 -22.12
N THR A 39 20.11 1.76 -23.28
CA THR A 39 20.83 1.96 -24.51
C THR A 39 21.17 3.45 -24.74
N LYS A 40 20.19 4.32 -24.42
CA LYS A 40 20.40 5.77 -24.55
C LYS A 40 20.96 6.39 -23.28
N ARG A 41 21.29 5.55 -22.29
CA ARG A 41 21.75 6.06 -20.99
C ARG A 41 20.93 7.29 -20.46
N LEU A 42 19.58 7.19 -20.44
CA LEU A 42 18.77 8.26 -19.85
C LEU A 42 18.63 8.17 -18.36
N TYR A 43 19.17 7.13 -17.73
CA TYR A 43 19.10 7.06 -16.29
C TYR A 43 20.16 7.95 -15.63
N ASP A 44 19.83 8.49 -14.45
CA ASP A 44 20.78 9.33 -13.66
C ASP A 44 21.87 8.40 -13.21
N GLU A 45 23.11 8.90 -13.24
CA GLU A 45 24.26 8.16 -12.82
C GLU A 45 24.24 7.76 -11.32
N LYS A 46 23.76 8.65 -10.43
CA LYS A 46 23.98 8.51 -8.99
C LYS A 46 22.73 8.00 -8.31
N GLN A 47 21.57 8.38 -8.83
CA GLN A 47 20.30 7.95 -8.31
C GLN A 47 19.58 7.25 -9.47
N GLN A 48 19.88 5.98 -9.65
CA GLN A 48 19.49 5.29 -10.91
C GLN A 48 18.00 5.00 -11.22
N HIS A 49 17.08 5.31 -10.30
CA HIS A 49 15.67 5.25 -10.62
C HIS A 49 15.18 6.50 -11.40
N ILE A 50 16.00 7.54 -11.51
CA ILE A 50 15.62 8.79 -12.16
C ILE A 50 15.95 8.65 -13.61
N VAL A 51 14.95 8.94 -14.44
CA VAL A 51 15.13 8.85 -15.87
C VAL A 51 14.92 10.25 -16.44
N TYR A 52 15.83 10.68 -17.31
CA TYR A 52 15.69 11.96 -18.02
C TYR A 52 15.07 11.78 -19.39
N CYS A 53 13.93 12.41 -19.60
CA CYS A 53 13.08 12.32 -20.79
C CYS A 53 13.11 13.56 -21.70
N SER A 54 13.53 14.73 -21.16
CA SER A 54 13.72 15.99 -21.95
C SER A 54 14.36 15.71 -23.26
N ASN A 55 13.82 16.28 -24.34
CA ASN A 55 14.48 16.18 -25.67
C ASN A 55 14.74 14.72 -26.19
N ASP A 56 13.96 13.76 -25.72
CA ASP A 56 14.05 12.37 -26.18
C ASP A 56 12.67 11.94 -26.64
N LEU A 57 12.64 10.98 -27.56
CA LEU A 57 11.42 10.27 -27.91
C LEU A 57 10.57 9.87 -26.67
N LEU A 58 11.22 9.28 -25.65
CA LEU A 58 10.51 8.99 -24.38
C LEU A 58 9.70 10.12 -23.73
N GLY A 59 10.22 11.35 -23.74
CA GLY A 59 9.46 12.48 -23.20
C GLY A 59 8.31 12.87 -24.10
N ASP A 60 8.49 12.67 -25.40
CA ASP A 60 7.36 12.86 -26.29
C ASP A 60 6.23 11.84 -25.97
N LEU A 61 6.57 10.57 -25.71
CA LEU A 61 5.60 9.48 -25.38
C LEU A 61 4.96 9.68 -24.02
N PHE A 62 5.82 9.87 -23.01
CA PHE A 62 5.35 10.10 -21.65
C PHE A 62 4.79 11.48 -21.25
N GLY A 63 5.22 12.53 -21.88
CA GLY A 63 4.70 13.83 -21.52
C GLY A 63 5.26 14.39 -20.24
N VAL A 64 6.51 14.01 -19.90
CA VAL A 64 7.23 14.55 -18.72
C VAL A 64 8.71 14.84 -19.04
N PRO A 65 9.39 15.77 -18.28
CA PRO A 65 10.85 15.98 -18.38
C PRO A 65 11.72 14.89 -17.71
N SER A 66 11.15 14.29 -16.67
CA SER A 66 11.86 13.31 -15.88
C SER A 66 10.80 12.47 -15.14
N PHE A 67 11.16 11.25 -14.75
CA PHE A 67 10.30 10.49 -13.82
C PHE A 67 11.13 9.59 -12.93
N SER A 68 10.48 9.12 -11.88
CA SER A 68 11.08 8.10 -11.06
C SER A 68 10.47 6.73 -11.31
N VAL A 69 11.36 5.77 -11.49
CA VAL A 69 10.99 4.36 -11.71
C VAL A 69 10.20 3.79 -10.56
N LYS A 70 10.43 4.30 -9.34
CA LYS A 70 9.79 3.83 -8.12
C LYS A 70 8.27 4.08 -8.04
N GLU A 71 7.75 4.94 -8.92
CA GLU A 71 6.36 5.33 -8.91
C GLU A 71 5.61 4.37 -9.85
N HIS A 72 5.45 3.13 -9.39
CA HIS A 72 4.97 2.08 -10.24
C HIS A 72 3.65 2.41 -10.91
N ARG A 73 2.61 2.74 -10.17
CA ARG A 73 1.37 3.07 -10.87
C ARG A 73 1.57 4.11 -11.99
N LYS A 74 2.36 5.14 -11.70
CA LYS A 74 2.51 6.29 -12.59
C LYS A 74 3.14 5.82 -13.87
N ILE A 75 4.12 4.92 -13.78
CA ILE A 75 4.81 4.36 -14.93
C ILE A 75 3.89 3.44 -15.77
N TYR A 76 3.17 2.52 -15.14
CA TYR A 76 2.14 1.76 -15.87
C TYR A 76 1.08 2.62 -16.52
N THR A 77 0.71 3.72 -15.88
CA THR A 77 -0.38 4.54 -16.40
C THR A 77 0.10 5.21 -17.70
N MET A 78 1.32 5.72 -17.67
CA MET A 78 1.98 6.32 -18.85
C MET A 78 2.17 5.30 -19.96
N ILE A 79 2.58 4.10 -19.57
CA ILE A 79 2.71 3.01 -20.56
C ILE A 79 1.34 2.66 -21.18
N TYR A 80 0.31 2.40 -20.35
CA TYR A 80 -0.98 2.01 -20.97
C TYR A 80 -1.53 3.07 -21.90
N ARG A 81 -1.21 4.32 -21.63
CA ARG A 81 -1.73 5.40 -22.48
C ARG A 81 -1.10 5.27 -23.85
N ASN A 82 0.02 4.56 -23.94
CA ASN A 82 0.74 4.42 -25.18
C ASN A 82 0.52 3.05 -25.81
N LEU A 83 -0.57 2.38 -25.42
CA LEU A 83 -0.87 1.02 -25.87
C LEU A 83 -2.37 0.93 -26.11
N VAL A 84 -2.76 0.07 -27.06
CA VAL A 84 -4.15 -0.36 -27.13
C VAL A 84 -4.09 -1.75 -26.54
N VAL A 85 -4.63 -1.90 -25.33
CA VAL A 85 -4.54 -3.18 -24.62
C VAL A 85 -5.63 -4.16 -25.15
N THR B 1 21.66 0.66 -5.89
CA THR B 1 20.76 -0.11 -6.81
C THR B 1 20.90 0.41 -8.25
N SER B 2 20.99 -0.50 -9.22
CA SER B 2 21.14 -0.15 -10.61
C SER B 2 19.76 0.26 -11.13
N PHE B 3 19.71 1.08 -12.18
CA PHE B 3 18.52 1.25 -12.97
C PHE B 3 17.96 -0.16 -13.33
N ALA B 4 18.81 -1.11 -13.73
CA ALA B 4 18.28 -2.43 -14.17
C ALA B 4 17.43 -3.14 -13.14
N GLU B 5 17.89 -3.10 -11.90
CA GLU B 5 17.14 -3.67 -10.79
C GLU B 5 15.85 -2.92 -10.56
N TYR B 6 15.90 -1.60 -10.54
CA TYR B 6 14.71 -0.82 -10.23
C TYR B 6 13.67 -1.11 -11.27
N TRP B 7 14.10 -1.11 -12.52
CA TRP B 7 13.26 -1.50 -13.64
C TRP B 7 12.63 -2.89 -13.47
N ALA B 8 13.44 -3.88 -13.07
CA ALA B 8 12.95 -5.25 -12.98
C ALA B 8 11.88 -5.32 -11.90
N LEU B 9 12.00 -4.45 -10.89
CA LEU B 9 11.01 -4.40 -9.85
C LEU B 9 9.66 -3.95 -10.21
N LEU B 10 9.50 -3.33 -11.38
CA LEU B 10 8.13 -3.03 -11.92
C LEU B 10 7.35 -4.32 -12.12
N SER B 11 8.11 -5.41 -12.29
CA SER B 11 7.56 -6.74 -12.20
C SER B 11 8.56 -7.72 -11.52
N LEU C 3 -6.19 -5.97 36.39
CA LEU C 3 -5.46 -5.08 37.36
C LEU C 3 -3.99 -5.41 37.56
N VAL C 4 -3.14 -4.38 37.54
CA VAL C 4 -1.71 -4.59 37.64
C VAL C 4 -1.23 -3.85 38.87
N ARG C 5 -0.12 -4.34 39.43
CA ARG C 5 0.50 -3.74 40.60
C ARG C 5 1.89 -3.24 40.15
N PRO C 6 2.02 -1.92 39.89
CA PRO C 6 3.34 -1.37 39.60
C PRO C 6 4.32 -1.61 40.77
N LYS C 7 5.57 -1.94 40.49
CA LYS C 7 6.62 -1.96 41.50
C LYS C 7 6.89 -0.53 42.03
N PRO C 8 7.62 -0.39 43.15
CA PRO C 8 7.68 0.95 43.81
C PRO C 8 8.17 2.16 42.94
N LEU C 9 9.15 1.95 42.09
CA LEU C 9 9.66 3.01 41.20
C LEU C 9 8.57 3.53 40.27
N LEU C 10 7.94 2.60 39.54
CA LEU C 10 6.79 2.91 38.66
C LEU C 10 5.69 3.65 39.39
N LEU C 11 5.21 3.07 40.47
CA LEU C 11 4.23 3.78 41.32
C LEU C 11 4.66 5.23 41.65
N LYS C 12 5.90 5.41 42.06
CA LYS C 12 6.44 6.74 42.42
C LYS C 12 6.22 7.72 41.28
N LEU C 13 6.57 7.31 40.09
CA LEU C 13 6.41 8.17 38.93
C LEU C 13 4.91 8.49 38.70
N LEU C 14 4.02 7.49 38.88
CA LEU C 14 2.58 7.73 38.72
C LEU C 14 1.97 8.66 39.80
N LYS C 15 2.32 8.41 41.06
CA LYS C 15 1.85 9.25 42.16
C LYS C 15 2.39 10.67 41.96
N SER C 16 3.60 10.79 41.44
CA SER C 16 4.18 12.11 41.18
C SER C 16 3.30 13.00 40.29
N VAL C 17 2.38 12.41 39.53
CA VAL C 17 1.37 13.22 38.85
C VAL C 17 -0.06 12.97 39.35
N GLY C 18 -0.20 12.56 40.60
CA GLY C 18 -1.54 12.54 41.20
C GLY C 18 -2.27 11.20 41.18
N ALA C 19 -1.56 10.11 40.91
CA ALA C 19 -2.18 8.79 41.03
C ALA C 19 -2.39 8.44 42.53
N GLN C 20 -3.43 7.67 42.88
CA GLN C 20 -3.69 7.34 44.30
C GLN C 20 -3.46 5.87 44.70
N LYS C 21 -3.79 4.95 43.79
CA LYS C 21 -3.98 3.55 44.11
C LYS C 21 -2.67 2.75 44.14
N ASP C 22 -2.76 1.46 44.50
CA ASP C 22 -1.60 0.60 44.38
C ASP C 22 -1.78 -0.38 43.23
N THR C 23 -2.99 -0.40 42.70
CA THR C 23 -3.30 -1.24 41.58
C THR C 23 -4.06 -0.42 40.55
N TYR C 24 -3.96 -0.83 39.29
CA TYR C 24 -4.39 -0.04 38.14
C TYR C 24 -4.76 -0.90 36.91
N THR C 25 -5.66 -0.44 36.05
CA THR C 25 -5.72 -1.05 34.72
C THR C 25 -4.49 -0.63 33.90
N MET C 26 -4.15 -1.39 32.87
CA MET C 26 -3.07 -1.00 31.95
C MET C 26 -3.43 0.33 31.31
N LYS C 27 -4.72 0.44 31.00
CA LYS C 27 -5.29 1.64 30.42
C LYS C 27 -4.98 2.82 31.31
N GLU C 28 -5.19 2.66 32.64
CA GLU C 28 -4.93 3.75 33.61
C GLU C 28 -3.46 4.06 33.80
N VAL C 29 -2.62 3.02 33.85
CA VAL C 29 -1.18 3.18 33.99
C VAL C 29 -0.69 4.06 32.84
N LEU C 30 -1.23 3.81 31.66
CA LEU C 30 -0.86 4.50 30.46
C LEU C 30 -1.32 5.94 30.46
N PHE C 31 -2.52 6.17 30.96
CA PHE C 31 -3.05 7.51 31.12
C PHE C 31 -2.09 8.31 32.00
N TYR C 32 -1.73 7.75 33.15
CA TYR C 32 -0.77 8.45 33.99
C TYR C 32 0.63 8.50 33.42
N LEU C 33 1.08 7.45 32.75
CA LEU C 33 2.42 7.53 32.21
C LEU C 33 2.55 8.64 31.15
N GLY C 34 1.61 8.72 30.23
CA GLY C 34 1.59 9.80 29.24
C GLY C 34 1.50 11.19 29.88
N GLN C 35 0.54 11.36 30.80
CA GLN C 35 0.41 12.62 31.57
C GLN C 35 1.74 13.08 32.14
N TYR C 36 2.46 12.13 32.74
CA TYR C 36 3.79 12.36 33.28
C TYR C 36 4.78 12.93 32.25
N ILE C 37 4.91 12.23 31.11
CA ILE C 37 5.79 12.69 30.05
C ILE C 37 5.49 14.13 29.58
N MET C 38 4.20 14.40 29.37
CA MET C 38 3.71 15.75 29.07
C MET C 38 3.94 16.76 30.22
N THR C 39 3.60 16.39 31.46
CA THR C 39 3.77 17.28 32.60
C THR C 39 5.23 17.74 32.74
N LYS C 40 6.14 16.81 32.44
CA LYS C 40 7.55 17.00 32.71
C LYS C 40 8.30 17.52 31.49
N ARG C 41 7.56 17.90 30.43
CA ARG C 41 8.12 18.34 29.16
C ARG C 41 9.26 17.48 28.60
N LEU C 42 9.07 16.16 28.59
CA LEU C 42 10.09 15.19 28.13
C LEU C 42 9.90 14.82 26.66
N TYR C 43 8.80 15.21 26.07
CA TYR C 43 8.68 14.94 24.63
C TYR C 43 9.44 16.01 23.84
N ASP C 44 10.02 15.63 22.70
CA ASP C 44 10.63 16.61 21.83
C ASP C 44 9.56 17.51 21.20
N GLU C 45 9.84 18.82 21.11
CA GLU C 45 8.82 19.78 20.63
C GLU C 45 8.63 19.75 19.13
N LYS C 46 9.62 19.25 18.40
CA LYS C 46 9.48 19.12 16.94
C LYS C 46 9.16 17.71 16.39
N GLN C 47 9.82 16.72 16.98
CA GLN C 47 9.64 15.32 16.67
C GLN C 47 8.98 14.71 17.88
N GLN C 48 7.66 14.70 17.86
CA GLN C 48 6.89 14.61 19.14
C GLN C 48 6.77 13.18 19.61
N HIS C 49 7.14 12.23 18.74
CA HIS C 49 7.24 10.87 19.19
C HIS C 49 8.47 10.62 20.08
N ILE C 50 9.51 11.45 20.04
CA ILE C 50 10.72 11.27 20.92
C ILE C 50 10.49 11.75 22.38
N VAL C 51 10.87 10.93 23.34
CA VAL C 51 10.85 11.29 24.75
C VAL C 51 12.28 11.20 25.28
N TYR C 52 12.67 12.19 26.07
CA TYR C 52 14.01 12.27 26.67
C TYR C 52 14.02 11.91 28.16
N CYS C 53 14.66 10.81 28.52
CA CYS C 53 14.58 10.37 29.91
C CYS C 53 15.92 10.36 30.62
N SER C 54 16.87 11.13 30.07
CA SER C 54 18.19 11.29 30.65
C SER C 54 18.11 11.76 32.09
N ASN C 55 18.63 10.92 32.98
CA ASN C 55 18.79 11.24 34.40
C ASN C 55 17.45 11.46 35.13
N ASP C 56 16.39 10.80 34.65
CA ASP C 56 15.03 11.03 35.12
C ASP C 56 14.52 9.78 35.82
N LEU C 57 13.43 9.90 36.58
CA LEU C 57 12.76 8.75 37.15
C LEU C 57 12.44 7.84 35.99
N LEU C 58 12.03 8.45 34.88
CA LEU C 58 11.67 7.70 33.68
C LEU C 58 12.89 6.97 33.09
N GLY C 59 14.07 7.55 33.18
CA GLY C 59 15.32 6.90 32.73
C GLY C 59 15.67 5.61 33.43
N ASP C 60 15.52 5.62 34.76
CA ASP C 60 15.75 4.44 35.60
C ASP C 60 14.86 3.27 35.19
N LEU C 61 13.58 3.58 34.92
CA LEU C 61 12.58 2.55 34.57
C LEU C 61 12.91 1.90 33.27
N PHE C 62 13.23 2.75 32.29
CA PHE C 62 13.45 2.35 30.92
C PHE C 62 14.87 1.91 30.60
N GLY C 63 15.84 2.21 31.46
CA GLY C 63 17.24 1.81 31.23
C GLY C 63 17.95 2.27 29.96
N VAL C 64 17.47 3.36 29.39
CA VAL C 64 18.06 3.97 28.19
C VAL C 64 17.85 5.46 28.35
N PRO C 65 18.65 6.31 27.63
CA PRO C 65 18.53 7.76 27.78
C PRO C 65 17.48 8.48 26.90
N SER C 66 16.73 7.74 26.08
CA SER C 66 15.68 8.31 25.21
C SER C 66 14.97 7.19 24.48
N PHE C 67 13.76 7.47 23.94
CA PHE C 67 12.99 6.43 23.18
C PHE C 67 11.88 7.05 22.30
N SER C 68 11.33 6.24 21.39
CA SER C 68 10.30 6.63 20.44
C SER C 68 8.96 6.04 20.84
N VAL C 69 7.95 6.89 20.94
CA VAL C 69 6.59 6.45 21.25
C VAL C 69 6.11 5.42 20.24
N LYS C 70 6.87 5.19 19.17
CA LYS C 70 6.32 4.40 18.06
C LYS C 70 6.56 2.94 18.22
N GLU C 71 7.48 2.60 19.11
CA GLU C 71 7.87 1.22 19.27
C GLU C 71 7.12 0.70 20.49
N HIS C 72 5.89 0.23 20.22
CA HIS C 72 4.90 -0.04 21.27
C HIS C 72 5.39 -1.14 22.22
N ARG C 73 5.98 -2.21 21.67
CA ARG C 73 6.53 -3.25 22.52
C ARG C 73 7.44 -2.74 23.65
N LYS C 74 8.28 -1.74 23.38
CA LYS C 74 9.29 -1.28 24.38
C LYS C 74 8.66 -0.56 25.58
N ILE C 75 7.61 0.19 25.27
CA ILE C 75 6.83 0.86 26.28
C ILE C 75 6.11 -0.16 27.17
N TYR C 76 5.43 -1.11 26.50
CA TYR C 76 4.78 -2.27 27.13
C TYR C 76 5.75 -3.13 27.95
N THR C 77 6.88 -3.47 27.35
CA THR C 77 8.00 -4.14 28.04
C THR C 77 8.35 -3.39 29.35
N MET C 78 8.50 -2.07 29.29
CA MET C 78 8.91 -1.38 30.54
C MET C 78 7.83 -1.60 31.64
N ILE C 79 6.58 -1.41 31.28
CA ILE C 79 5.49 -1.55 32.29
C ILE C 79 5.47 -2.93 32.96
N TYR C 80 5.51 -3.99 32.14
CA TYR C 80 5.38 -5.36 32.60
C TYR C 80 6.49 -5.86 33.51
N ARG C 81 7.72 -5.45 33.23
CA ARG C 81 8.85 -5.85 34.08
C ARG C 81 8.88 -4.97 35.32
N ASN C 82 7.86 -4.13 35.43
CA ASN C 82 7.68 -3.21 36.54
C ASN C 82 6.37 -3.35 37.28
N LEU C 83 5.94 -4.62 37.37
CA LEU C 83 4.72 -5.06 38.06
C LEU C 83 4.94 -6.23 39.04
N VAL C 84 3.89 -6.55 39.78
CA VAL C 84 3.77 -7.66 40.79
C VAL C 84 4.39 -7.24 42.15
N THR D 1 2.03 15.30 13.83
CA THR D 1 1.41 14.47 14.90
C THR D 1 1.91 14.92 16.28
N SER D 2 0.98 15.13 17.20
CA SER D 2 1.32 15.50 18.55
C SER D 2 1.71 14.28 19.40
N PHE D 3 2.56 14.48 20.40
CA PHE D 3 2.87 13.42 21.37
C PHE D 3 1.58 12.77 21.82
N ALA D 4 0.56 13.58 22.10
CA ALA D 4 -0.66 13.05 22.70
C ALA D 4 -1.30 11.97 21.82
N GLU D 5 -1.32 12.22 20.51
CA GLU D 5 -1.96 11.29 19.59
C GLU D 5 -1.01 10.10 19.43
N TYR D 6 0.29 10.37 19.38
CA TYR D 6 1.25 9.27 19.37
C TYR D 6 0.96 8.34 20.53
N TRP D 7 0.76 8.94 21.70
CA TRP D 7 0.63 8.17 22.93
C TRP D 7 -0.73 7.41 22.97
N ALA D 8 -1.79 8.01 22.44
CA ALA D 8 -3.09 7.32 22.42
C ALA D 8 -3.10 6.03 21.58
N LEU D 9 -2.34 6.06 20.49
CA LEU D 9 -2.23 4.85 19.67
C LEU D 9 -1.73 3.65 20.46
N LEU D 10 -1.12 3.89 21.63
CA LEU D 10 -0.71 2.80 22.54
C LEU D 10 -1.89 1.95 23.07
N SER D 11 -3.09 2.54 23.10
CA SER D 11 -4.29 1.81 23.50
C SER D 11 -5.49 2.11 22.58
N LEU E 3 -30.87 2.86 -29.17
CA LEU E 3 -29.86 3.93 -28.83
C LEU E 3 -30.59 5.18 -28.34
N VAL E 4 -30.09 5.80 -27.30
CA VAL E 4 -30.72 6.94 -26.66
C VAL E 4 -29.65 8.05 -26.61
N ARG E 5 -30.07 9.32 -26.61
CA ARG E 5 -29.08 10.42 -26.67
C ARG E 5 -29.24 11.36 -25.49
N PRO E 6 -28.34 11.27 -24.50
CA PRO E 6 -28.32 12.06 -23.27
C PRO E 6 -28.42 13.54 -23.56
N LYS E 7 -29.16 14.29 -22.75
CA LYS E 7 -29.06 15.75 -22.77
C LYS E 7 -27.74 16.11 -22.14
N PRO E 8 -27.29 17.39 -22.30
CA PRO E 8 -25.92 17.69 -21.85
C PRO E 8 -25.68 17.54 -20.34
N LEU E 9 -26.70 17.65 -19.50
CA LEU E 9 -26.48 17.48 -18.05
C LEU E 9 -26.19 16.02 -17.75
N LEU E 10 -27.01 15.14 -18.30
CA LEU E 10 -26.77 13.73 -18.17
C LEU E 10 -25.47 13.34 -18.90
N LEU E 11 -25.22 13.89 -20.10
CA LEU E 11 -23.95 13.58 -20.79
C LEU E 11 -22.68 13.95 -19.99
N LYS E 12 -22.65 15.19 -19.45
CA LYS E 12 -21.57 15.66 -18.58
C LYS E 12 -21.21 14.70 -17.40
N LEU E 13 -22.24 14.23 -16.67
CA LEU E 13 -22.12 13.17 -15.68
C LEU E 13 -21.50 11.89 -16.24
N LEU E 14 -22.06 11.34 -17.31
CA LEU E 14 -21.52 10.05 -17.81
C LEU E 14 -20.08 10.28 -18.25
N LYS E 15 -19.82 11.40 -18.96
CA LYS E 15 -18.46 11.75 -19.39
C LYS E 15 -17.46 11.99 -18.24
N SER E 16 -17.96 12.41 -17.08
CA SER E 16 -17.07 12.74 -15.95
C SER E 16 -16.36 11.46 -15.39
N VAL E 17 -16.87 10.30 -15.74
CA VAL E 17 -16.18 9.05 -15.36
C VAL E 17 -15.81 8.19 -16.56
N GLY E 18 -15.68 8.84 -17.72
CA GLY E 18 -15.00 8.27 -18.90
C GLY E 18 -15.82 7.99 -20.15
N ALA E 19 -17.14 8.13 -20.09
CA ALA E 19 -17.98 7.97 -21.29
C ALA E 19 -17.48 8.84 -22.39
N GLN E 20 -17.61 8.39 -23.65
CA GLN E 20 -16.89 9.05 -24.77
C GLN E 20 -17.77 9.31 -26.03
N LYS E 21 -19.04 8.91 -25.95
CA LYS E 21 -19.97 8.91 -27.11
C LYS E 21 -21.09 9.89 -26.89
N ASP E 22 -21.86 10.16 -27.94
CA ASP E 22 -23.05 11.00 -27.84
C ASP E 22 -24.30 10.12 -27.64
N THR E 23 -24.25 8.85 -28.07
CA THR E 23 -25.40 7.94 -27.91
C THR E 23 -25.06 6.59 -27.27
N TYR E 24 -26.07 5.97 -26.66
CA TYR E 24 -25.87 4.86 -25.68
C TYR E 24 -27.06 3.91 -25.67
N THR E 25 -26.86 2.69 -25.20
CA THR E 25 -28.02 1.91 -24.88
C THR E 25 -28.40 2.30 -23.46
N MET E 26 -29.63 2.02 -23.08
CA MET E 26 -30.10 2.36 -21.74
C MET E 26 -29.17 1.67 -20.77
N LYS E 27 -28.86 0.40 -21.07
CA LYS E 27 -27.96 -0.38 -20.21
C LYS E 27 -26.62 0.31 -20.05
N GLU E 28 -26.07 0.87 -21.12
CA GLU E 28 -24.81 1.61 -21.00
C GLU E 28 -25.01 2.87 -20.13
N VAL E 29 -26.11 3.58 -20.35
CA VAL E 29 -26.39 4.74 -19.44
C VAL E 29 -26.37 4.27 -17.97
N LEU E 30 -27.05 3.18 -17.67
CA LEU E 30 -27.23 2.72 -16.31
C LEU E 30 -25.87 2.31 -15.77
N PHE E 31 -25.02 1.78 -16.65
CA PHE E 31 -23.71 1.36 -16.15
C PHE E 31 -22.84 2.55 -15.71
N TYR E 32 -22.70 3.53 -16.62
CA TYR E 32 -21.95 4.76 -16.28
C TYR E 32 -22.50 5.57 -15.12
N LEU E 33 -23.84 5.69 -15.04
CA LEU E 33 -24.48 6.35 -13.90
C LEU E 33 -24.21 5.65 -12.53
N GLY E 34 -24.28 4.33 -12.55
CA GLY E 34 -23.92 3.55 -11.38
C GLY E 34 -22.45 3.72 -11.02
N GLN E 35 -21.62 3.82 -12.03
CA GLN E 35 -20.20 3.93 -11.89
C GLN E 35 -19.86 5.29 -11.27
N TYR E 36 -20.62 6.30 -11.65
CA TYR E 36 -20.37 7.64 -11.23
C TYR E 36 -20.66 7.69 -9.75
N ILE E 37 -21.85 7.24 -9.35
CA ILE E 37 -22.24 7.22 -7.94
C ILE E 37 -21.16 6.53 -7.07
N MET E 38 -20.64 5.40 -7.55
CA MET E 38 -19.58 4.69 -6.78
C MET E 38 -18.24 5.48 -6.77
N THR E 39 -17.85 5.96 -7.92
CA THR E 39 -16.59 6.67 -8.05
C THR E 39 -16.65 7.91 -7.16
N LYS E 40 -17.84 8.51 -7.10
CA LYS E 40 -18.05 9.72 -6.30
C LYS E 40 -18.41 9.46 -4.81
N ARG E 41 -18.56 8.18 -4.43
CA ARG E 41 -18.80 7.71 -3.07
C ARG E 41 -20.00 8.45 -2.50
N LEU E 42 -21.06 8.48 -3.31
CA LEU E 42 -22.38 9.10 -2.99
C LEU E 42 -23.34 8.16 -2.30
N TYR E 43 -23.08 6.86 -2.37
CA TYR E 43 -23.94 5.85 -1.66
C TYR E 43 -23.64 5.85 -0.16
N ASP E 44 -24.69 5.64 0.67
CA ASP E 44 -24.53 5.49 2.10
C ASP E 44 -23.73 4.23 2.41
N GLU E 45 -22.79 4.34 3.34
CA GLU E 45 -21.92 3.23 3.69
C GLU E 45 -22.70 2.09 4.36
N LYS E 46 -23.70 2.45 5.15
CA LYS E 46 -24.50 1.50 5.93
C LYS E 46 -25.80 1.03 5.23
N GLN E 47 -26.57 1.97 4.69
CA GLN E 47 -27.77 1.55 4.01
C GLN E 47 -27.58 1.78 2.50
N GLN E 48 -26.93 0.84 1.82
CA GLN E 48 -26.26 1.21 0.52
C GLN E 48 -27.20 1.58 -0.66
N HIS E 49 -28.50 1.57 -0.41
CA HIS E 49 -29.48 1.96 -1.43
C HIS E 49 -29.80 3.47 -1.41
N ILE E 50 -29.37 4.13 -0.34
CA ILE E 50 -29.51 5.58 -0.23
C ILE E 50 -28.40 6.23 -1.00
N VAL E 51 -28.76 7.19 -1.84
CA VAL E 51 -27.77 7.98 -2.54
C VAL E 51 -27.94 9.45 -2.16
N TYR E 52 -26.88 10.08 -1.63
CA TYR E 52 -26.89 11.52 -1.32
C TYR E 52 -26.37 12.33 -2.51
N CYS E 53 -27.09 13.34 -2.96
CA CYS E 53 -26.66 14.06 -4.17
C CYS E 53 -26.79 15.56 -4.07
N SER E 54 -26.94 16.07 -2.84
CA SER E 54 -26.82 17.50 -2.56
C SER E 54 -25.51 18.04 -3.18
N ASN E 55 -25.61 19.22 -3.79
CA ASN E 55 -24.45 19.96 -4.30
C ASN E 55 -23.59 19.13 -5.22
N ASP E 56 -24.25 18.45 -6.17
CA ASP E 56 -23.62 17.56 -7.08
C ASP E 56 -24.47 17.56 -8.38
N LEU E 57 -23.80 17.40 -9.52
CA LEU E 57 -24.47 17.24 -10.82
C LEU E 57 -25.60 16.23 -10.69
N LEU E 58 -25.42 15.22 -9.84
CA LEU E 58 -26.44 14.19 -9.67
C LEU E 58 -27.77 14.75 -9.16
N GLY E 59 -27.69 15.58 -8.12
CA GLY E 59 -28.82 16.34 -7.57
C GLY E 59 -29.32 17.45 -8.50
N ASP E 60 -28.45 17.99 -9.36
CA ASP E 60 -28.97 18.82 -10.46
C ASP E 60 -29.95 18.03 -11.32
N LEU E 61 -29.62 16.75 -11.62
CA LEU E 61 -30.52 15.89 -12.35
C LEU E 61 -31.80 15.48 -11.61
N PHE E 62 -31.67 15.09 -10.35
CA PHE E 62 -32.84 14.57 -9.62
C PHE E 62 -33.77 15.62 -9.08
N GLY E 63 -33.18 16.77 -8.77
CA GLY E 63 -33.91 17.87 -8.21
C GLY E 63 -34.27 17.60 -6.77
N VAL E 64 -33.60 16.61 -6.15
CA VAL E 64 -33.82 16.29 -4.74
C VAL E 64 -32.49 16.03 -4.00
N PRO E 65 -32.48 16.22 -2.66
CA PRO E 65 -31.25 16.03 -1.87
C PRO E 65 -30.69 14.60 -1.88
N SER E 66 -31.58 13.61 -1.89
CA SER E 66 -31.18 12.23 -1.84
C SER E 66 -32.27 11.45 -2.53
N PHE E 67 -31.94 10.25 -2.95
CA PHE E 67 -32.96 9.29 -3.40
C PHE E 67 -32.52 7.92 -2.97
N SER E 68 -33.42 6.94 -3.07
CA SER E 68 -33.11 5.49 -2.82
C SER E 68 -33.09 4.67 -4.12
N VAL E 69 -32.13 3.79 -4.25
CA VAL E 69 -32.02 2.98 -5.49
C VAL E 69 -33.30 2.11 -5.71
N LYS E 70 -34.03 1.85 -4.63
CA LYS E 70 -35.26 1.02 -4.71
C LYS E 70 -36.36 1.85 -5.39
N GLU E 71 -36.15 3.16 -5.49
CA GLU E 71 -37.09 4.07 -6.16
C GLU E 71 -36.91 4.01 -7.67
N HIS E 72 -37.19 2.85 -8.26
CA HIS E 72 -36.98 2.60 -9.71
C HIS E 72 -37.67 3.62 -10.66
N ARG E 73 -38.96 3.93 -10.41
CA ARG E 73 -39.71 4.89 -11.24
C ARG E 73 -39.06 6.26 -11.23
N LYS E 74 -38.70 6.73 -10.06
CA LYS E 74 -38.02 8.02 -10.02
C LYS E 74 -36.72 8.03 -10.83
N ILE E 75 -36.01 6.91 -10.83
CA ILE E 75 -34.71 6.92 -11.46
C ILE E 75 -34.88 6.96 -12.97
N TYR E 76 -35.80 6.15 -13.49
CA TYR E 76 -36.07 6.13 -14.93
C TYR E 76 -36.67 7.45 -15.42
N THR E 77 -37.55 8.04 -14.63
CA THR E 77 -38.06 9.40 -14.86
C THR E 77 -36.96 10.45 -15.03
N MET E 78 -36.00 10.49 -14.12
CA MET E 78 -34.82 11.37 -14.30
C MET E 78 -34.17 11.09 -15.66
N ILE E 79 -33.99 9.81 -16.02
CA ILE E 79 -33.21 9.48 -17.23
C ILE E 79 -34.01 9.92 -18.42
N TYR E 80 -35.28 9.50 -18.45
CA TYR E 80 -36.15 9.79 -19.56
C TYR E 80 -36.32 11.27 -19.82
N ARG E 81 -36.37 12.06 -18.75
CA ARG E 81 -36.46 13.51 -18.87
C ARG E 81 -35.16 14.11 -19.40
N ASN E 82 -34.06 13.35 -19.27
CA ASN E 82 -32.72 13.83 -19.71
C ASN E 82 -32.16 13.25 -21.01
N LEU E 83 -33.07 12.92 -21.92
CA LEU E 83 -32.77 12.35 -23.24
C LEU E 83 -33.42 13.24 -24.26
N VAL E 84 -32.70 13.55 -25.34
CA VAL E 84 -33.18 14.39 -26.45
C VAL E 84 -34.18 13.63 -27.28
N THR F 1 -26.38 -5.88 1.72
CA THR F 1 -26.59 -5.68 0.26
C THR F 1 -25.78 -4.44 -0.10
N SER F 2 -24.99 -4.57 -1.16
CA SER F 2 -23.99 -3.54 -1.48
C SER F 2 -24.69 -2.62 -2.39
N PHE F 3 -24.17 -1.41 -2.55
CA PHE F 3 -24.71 -0.50 -3.57
C PHE F 3 -24.73 -1.14 -4.97
N ALA F 4 -23.61 -1.77 -5.36
CA ALA F 4 -23.51 -2.40 -6.69
C ALA F 4 -24.66 -3.34 -6.94
N GLU F 5 -25.08 -4.06 -5.90
CA GLU F 5 -26.14 -5.06 -6.04
C GLU F 5 -27.49 -4.42 -6.26
N TYR F 6 -27.79 -3.42 -5.44
CA TYR F 6 -29.00 -2.65 -5.60
C TYR F 6 -29.07 -2.01 -6.99
N TRP F 7 -27.98 -1.41 -7.38
CA TRP F 7 -27.90 -0.85 -8.70
C TRP F 7 -28.14 -1.88 -9.82
N ALA F 8 -27.61 -3.09 -9.68
CA ALA F 8 -27.71 -4.11 -10.75
C ALA F 8 -29.17 -4.49 -11.05
N LEU F 9 -29.98 -4.48 -10.00
CA LEU F 9 -31.43 -4.71 -10.10
C LEU F 9 -32.15 -3.63 -10.86
N LEU F 10 -31.55 -2.44 -10.84
CA LEU F 10 -32.14 -1.35 -11.57
C LEU F 10 -32.46 -1.77 -12.96
N SER F 11 -31.66 -2.70 -13.50
CA SER F 11 -31.93 -3.43 -14.77
C SER F 11 -32.28 -4.89 -14.55
N THR G 2 -24.77 -20.70 -1.94
CA THR G 2 -23.47 -21.22 -1.40
C THR G 2 -22.65 -20.12 -0.75
N LEU G 3 -21.98 -20.45 0.35
CA LEU G 3 -21.21 -19.42 1.01
C LEU G 3 -19.68 -19.60 0.88
N VAL G 4 -19.01 -18.48 0.72
CA VAL G 4 -17.56 -18.42 0.68
C VAL G 4 -17.03 -17.70 1.95
N ARG G 5 -15.82 -18.01 2.32
CA ARG G 5 -15.23 -17.31 3.45
C ARG G 5 -13.98 -16.55 2.98
N PRO G 6 -14.09 -15.23 2.72
CA PRO G 6 -12.84 -14.52 2.38
C PRO G 6 -11.75 -14.71 3.43
N LYS G 7 -10.52 -14.80 2.96
CA LYS G 7 -9.33 -14.73 3.77
C LYS G 7 -9.11 -13.29 4.26
N PRO G 8 -8.14 -13.08 5.13
CA PRO G 8 -8.18 -11.81 5.86
C PRO G 8 -7.93 -10.56 5.02
N LEU G 9 -7.01 -10.57 4.04
CA LEU G 9 -6.86 -9.39 3.19
C LEU G 9 -8.08 -9.08 2.30
N LEU G 10 -8.63 -10.09 1.63
CA LEU G 10 -9.92 -9.92 0.93
C LEU G 10 -11.04 -9.39 1.85
N LEU G 11 -11.20 -10.00 3.01
CA LEU G 11 -12.20 -9.58 3.96
C LEU G 11 -12.05 -8.09 4.27
N LYS G 12 -10.83 -7.68 4.61
CA LYS G 12 -10.50 -6.28 4.86
C LYS G 12 -10.94 -5.32 3.74
N LEU G 13 -10.68 -5.71 2.50
CA LEU G 13 -11.03 -4.89 1.37
C LEU G 13 -12.56 -4.74 1.24
N LEU G 14 -13.29 -5.85 1.30
CA LEU G 14 -14.75 -5.79 1.24
C LEU G 14 -15.32 -4.93 2.32
N LYS G 15 -14.91 -5.15 3.57
CA LYS G 15 -15.35 -4.36 4.74
C LYS G 15 -15.13 -2.83 4.57
N SER G 16 -14.06 -2.46 3.88
CA SER G 16 -13.69 -1.06 3.66
C SER G 16 -14.70 -0.32 2.76
N VAL G 17 -15.52 -1.04 2.01
CA VAL G 17 -16.63 -0.43 1.25
C VAL G 17 -18.00 -0.87 1.78
N GLY G 18 -18.02 -1.30 3.04
CA GLY G 18 -19.30 -1.47 3.75
C GLY G 18 -19.81 -2.88 3.87
N ALA G 19 -18.97 -3.87 3.52
CA ALA G 19 -19.36 -5.27 3.77
C ALA G 19 -19.30 -5.52 5.26
N GLN G 20 -20.25 -6.35 5.70
CA GLN G 20 -20.53 -6.49 7.11
C GLN G 20 -20.39 -7.91 7.60
N LYS G 21 -20.18 -8.83 6.67
CA LYS G 21 -20.31 -10.26 6.93
C LYS G 21 -18.99 -11.02 6.92
N ASP G 22 -19.06 -12.26 7.37
CA ASP G 22 -17.91 -13.17 7.43
C ASP G 22 -17.87 -14.07 6.20
N THR G 23 -19.08 -14.30 5.67
CA THR G 23 -19.29 -15.26 4.64
C THR G 23 -20.21 -14.60 3.59
N TYR G 24 -20.00 -14.95 2.30
CA TYR G 24 -20.71 -14.29 1.17
C TYR G 24 -21.10 -15.26 0.07
N THR G 25 -22.03 -14.83 -0.83
CA THR G 25 -22.20 -15.59 -2.04
C THR G 25 -21.09 -15.05 -2.90
N MET G 26 -20.73 -15.79 -3.96
CA MET G 26 -19.72 -15.35 -4.93
C MET G 26 -20.20 -14.11 -5.64
N LYS G 27 -21.52 -14.05 -5.83
CA LYS G 27 -22.05 -12.86 -6.47
C LYS G 27 -21.83 -11.61 -5.62
N GLU G 28 -22.00 -11.72 -4.31
CA GLU G 28 -21.75 -10.60 -3.40
C GLU G 28 -20.29 -10.20 -3.35
N VAL G 29 -19.41 -11.21 -3.31
CA VAL G 29 -17.99 -10.99 -3.43
C VAL G 29 -17.73 -10.10 -4.65
N LEU G 30 -18.19 -10.51 -5.82
N LEU G 30 -18.20 -10.50 -5.83
CA LEU G 30 -17.98 -9.70 -7.03
CA LEU G 30 -17.93 -9.72 -7.05
C LEU G 30 -18.55 -8.30 -6.91
C LEU G 30 -18.63 -8.34 -7.09
N PHE G 31 -19.79 -8.18 -6.43
CA PHE G 31 -20.41 -6.83 -6.27
C PHE G 31 -19.52 -5.92 -5.43
N TYR G 32 -19.21 -6.32 -4.20
CA TYR G 32 -18.35 -5.47 -3.33
C TYR G 32 -16.93 -5.21 -3.88
N LEU G 33 -16.40 -6.22 -4.55
CA LEU G 33 -15.06 -6.08 -5.21
C LEU G 33 -15.11 -5.07 -6.40
N GLY G 34 -16.16 -5.10 -7.21
CA GLY G 34 -16.22 -4.15 -8.34
C GLY G 34 -16.41 -2.75 -7.73
N GLN G 35 -17.31 -2.68 -6.76
CA GLN G 35 -17.54 -1.46 -5.95
C GLN G 35 -16.29 -0.81 -5.36
N TYR G 36 -15.46 -1.63 -4.72
CA TYR G 36 -14.15 -1.25 -4.19
C TYR G 36 -13.25 -0.61 -5.26
N ILE G 37 -13.17 -1.26 -6.42
CA ILE G 37 -12.42 -0.74 -7.56
C ILE G 37 -12.98 0.62 -8.02
N MET G 38 -14.30 0.75 -8.14
CA MET G 38 -14.80 2.03 -8.65
C MET G 38 -14.68 3.12 -7.59
N THR G 39 -14.96 2.72 -6.35
CA THR G 39 -14.84 3.64 -5.21
C THR G 39 -13.40 4.18 -5.08
N LYS G 40 -12.41 3.32 -5.15
CA LYS G 40 -11.06 3.83 -5.12
C LYS G 40 -10.54 4.30 -6.49
N ARG G 41 -11.38 4.34 -7.52
CA ARG G 41 -10.91 4.88 -8.80
CA ARG G 41 -10.98 4.78 -8.89
C ARG G 41 -9.66 4.16 -9.31
N LEU G 42 -9.62 2.82 -9.25
CA LEU G 42 -8.40 2.08 -9.67
C LEU G 42 -8.40 1.74 -11.16
N TYR G 43 -9.53 1.99 -11.81
CA TYR G 43 -9.68 1.69 -13.24
C TYR G 43 -9.04 2.77 -14.08
N ASP G 44 -8.37 2.34 -15.15
CA ASP G 44 -7.87 3.29 -16.14
C ASP G 44 -9.00 4.09 -16.72
N GLU G 45 -8.74 5.40 -16.87
CA GLU G 45 -9.73 6.38 -17.37
C GLU G 45 -10.19 6.11 -18.83
N LYS G 46 -9.25 5.64 -19.65
CA LYS G 46 -9.47 5.57 -21.09
C LYS G 46 -9.69 4.14 -21.62
N GLN G 47 -9.14 3.16 -20.91
CA GLN G 47 -9.27 1.77 -21.27
C GLN G 47 -9.70 1.09 -19.98
N GLN G 48 -10.98 1.14 -19.81
CA GLN G 48 -11.53 0.92 -18.46
C GLN G 48 -11.52 -0.52 -17.94
N HIS G 49 -11.14 -1.50 -18.73
CA HIS G 49 -10.92 -2.82 -18.16
C HIS G 49 -9.56 -2.94 -17.39
N ILE G 50 -8.71 -1.92 -17.55
CA ILE G 50 -7.37 -1.84 -16.87
C ILE G 50 -7.58 -1.38 -15.44
N VAL G 51 -7.07 -2.18 -14.48
CA VAL G 51 -7.11 -1.86 -13.06
C VAL G 51 -5.71 -1.70 -12.50
N TYR G 52 -5.48 -0.65 -11.71
CA TYR G 52 -4.13 -0.45 -11.17
C TYR G 52 -4.21 -0.90 -9.71
N CYS G 53 -3.31 -1.78 -9.32
CA CYS G 53 -3.30 -2.16 -7.90
C CYS G 53 -1.95 -2.18 -7.26
N SER G 54 -0.96 -1.58 -7.94
CA SER G 54 0.28 -1.23 -7.21
C SER G 54 -0.04 -0.27 -6.05
N ASN G 55 0.64 -0.48 -4.92
CA ASN G 55 0.46 0.29 -3.67
C ASN G 55 -0.97 0.35 -3.11
N ASP G 56 -1.64 -0.79 -3.24
CA ASP G 56 -3.00 -0.94 -2.80
C ASP G 56 -3.12 -2.34 -2.29
N LEU G 57 -3.98 -2.46 -1.29
CA LEU G 57 -4.41 -3.70 -0.69
C LEU G 57 -4.82 -4.73 -1.72
N LEU G 58 -5.50 -4.30 -2.78
CA LEU G 58 -5.85 -5.22 -3.89
C LEU G 58 -4.61 -5.88 -4.48
N GLY G 59 -3.50 -5.13 -4.64
CA GLY G 59 -2.32 -5.73 -5.26
C GLY G 59 -1.67 -6.66 -4.27
N ASP G 60 -1.80 -6.32 -3.00
CA ASP G 60 -1.34 -7.21 -1.95
C ASP G 60 -1.96 -8.61 -2.04
N LEU G 61 -3.27 -8.69 -2.14
CA LEU G 61 -3.95 -9.98 -2.22
C LEU G 61 -3.97 -10.65 -3.62
N PHE G 62 -3.91 -9.86 -4.68
CA PHE G 62 -3.78 -10.43 -6.02
C PHE G 62 -2.33 -10.69 -6.45
N GLY G 63 -1.42 -9.97 -5.84
CA GLY G 63 -0.01 -10.16 -6.16
C GLY G 63 0.38 -9.74 -7.59
N VAL G 64 -0.40 -8.82 -8.19
CA VAL G 64 -0.03 -8.14 -9.46
C VAL G 64 0.02 -6.58 -9.31
N PRO G 65 0.74 -5.86 -10.20
CA PRO G 65 0.72 -4.40 -10.26
C PRO G 65 -0.54 -3.86 -10.97
N SER G 66 -1.07 -4.64 -11.91
CA SER G 66 -2.29 -4.29 -12.64
C SER G 66 -2.96 -5.54 -13.25
N PHE G 67 -4.22 -5.44 -13.67
CA PHE G 67 -4.82 -6.52 -14.42
C PHE G 67 -5.94 -5.99 -15.30
N SER G 68 -6.37 -6.86 -16.18
CA SER G 68 -7.47 -6.54 -17.04
C SER G 68 -8.69 -7.35 -16.63
N VAL G 69 -9.80 -6.65 -16.56
CA VAL G 69 -11.13 -7.23 -16.26
C VAL G 69 -11.53 -8.29 -17.30
N LYS G 70 -10.91 -8.24 -18.47
CA LYS G 70 -11.40 -9.01 -19.58
C LYS G 70 -10.93 -10.42 -19.38
N GLU G 71 -9.94 -10.59 -18.52
CA GLU G 71 -9.35 -11.91 -18.33
C GLU G 71 -10.09 -12.72 -17.24
N HIS G 72 -11.27 -13.27 -17.60
CA HIS G 72 -12.18 -13.74 -16.53
C HIS G 72 -11.59 -14.81 -15.64
N ARG G 73 -11.12 -15.89 -16.27
CA ARG G 73 -10.67 -16.99 -15.49
C ARG G 73 -9.45 -16.57 -14.61
N LYS G 74 -8.53 -15.79 -15.19
CA LYS G 74 -7.41 -15.25 -14.41
C LYS G 74 -7.94 -14.53 -13.15
N ILE G 75 -8.90 -13.61 -13.33
CA ILE G 75 -9.51 -12.89 -12.17
C ILE G 75 -10.22 -13.81 -11.19
N TYR G 76 -10.97 -14.80 -11.69
CA TYR G 76 -11.60 -15.73 -10.72
C TYR G 76 -10.61 -16.55 -9.94
N THR G 77 -9.47 -16.91 -10.56
CA THR G 77 -8.44 -17.76 -9.92
C THR G 77 -7.82 -16.99 -8.75
N MET G 78 -7.50 -15.72 -9.00
CA MET G 78 -7.07 -14.72 -7.97
C MET G 78 -8.05 -14.53 -6.80
N ILE G 79 -9.33 -14.40 -7.10
CA ILE G 79 -10.39 -14.31 -6.07
C ILE G 79 -10.49 -15.64 -5.28
N TYR G 80 -10.58 -16.76 -5.98
CA TYR G 80 -10.62 -18.04 -5.26
C TYR G 80 -9.42 -18.37 -4.35
N ARG G 81 -8.21 -18.03 -4.78
CA ARG G 81 -7.03 -18.08 -3.93
C ARG G 81 -7.28 -17.32 -2.60
N ASN G 82 -8.09 -16.26 -2.64
CA ASN G 82 -8.32 -15.44 -1.47
C ASN G 82 -9.62 -15.81 -0.68
N LEU G 83 -10.16 -17.01 -0.88
CA LEU G 83 -11.40 -17.49 -0.22
C LEU G 83 -11.25 -18.91 0.25
N VAL G 84 -11.99 -19.24 1.33
CA VAL G 84 -12.23 -20.62 1.72
C VAL G 84 -13.64 -21.02 1.34
N VAL G 85 -13.70 -21.96 0.41
CA VAL G 85 -14.91 -22.45 -0.26
C VAL G 85 -15.08 -24.01 -0.16
N THR H 1 -16.62 1.41 -23.55
CA THR H 1 -17.22 0.50 -22.52
C THR H 1 -16.69 0.86 -21.13
N SER H 2 -17.61 1.05 -20.19
CA SER H 2 -17.30 1.51 -18.81
C SER H 2 -16.65 0.35 -18.08
N PHE H 3 -15.83 0.65 -17.10
CA PHE H 3 -15.45 -0.41 -16.13
C PHE H 3 -16.69 -1.29 -15.68
N ALA H 4 -17.80 -0.62 -15.33
CA ALA H 4 -18.98 -1.29 -14.75
C ALA H 4 -19.52 -2.39 -15.64
N GLU H 5 -19.66 -2.09 -16.93
CA GLU H 5 -20.09 -3.06 -17.90
C GLU H 5 -19.08 -4.21 -18.01
N TYR H 6 -17.81 -3.86 -18.20
CA TYR H 6 -16.76 -4.88 -18.16
C TYR H 6 -16.87 -5.78 -16.97
N TRP H 7 -16.96 -5.18 -15.78
CA TRP H 7 -17.17 -5.92 -14.55
C TRP H 7 -18.44 -6.78 -14.51
N ALA H 8 -19.54 -6.30 -15.07
CA ALA H 8 -20.79 -7.13 -15.05
C ALA H 8 -20.63 -8.33 -15.97
N LEU H 9 -19.88 -8.15 -17.04
CA LEU H 9 -19.53 -9.22 -17.93
C LEU H 9 -18.73 -10.27 -17.19
N LEU H 10 -17.87 -9.83 -16.26
CA LEU H 10 -17.04 -10.74 -15.50
C LEU H 10 -17.84 -11.50 -14.45
N SER H 11 -18.78 -10.78 -13.80
CA SER H 11 -19.55 -11.27 -12.67
C SER H 11 -20.64 -12.27 -13.08
N PRO H 12 -21.12 -13.07 -12.12
CA PRO H 12 -22.10 -14.09 -12.50
C PRO H 12 -23.41 -13.44 -12.93
N THR I 2 -11.03 -35.17 18.65
CA THR I 2 -11.96 -34.14 18.09
C THR I 2 -11.22 -33.21 17.11
N LEU I 3 -11.77 -33.04 15.92
CA LEU I 3 -11.19 -32.05 14.99
C LEU I 3 -11.90 -30.71 15.00
N VAL I 4 -11.12 -29.61 14.85
CA VAL I 4 -11.68 -28.26 14.79
C VAL I 4 -11.22 -27.56 13.50
N ARG I 5 -12.01 -26.62 13.00
CA ARG I 5 -11.73 -26.03 11.70
C ARG I 5 -11.44 -24.54 11.92
N PRO I 6 -10.15 -24.14 11.89
CA PRO I 6 -9.86 -22.73 12.09
C PRO I 6 -10.47 -21.87 10.97
N LYS I 7 -10.99 -20.69 11.38
CA LYS I 7 -11.34 -19.63 10.42
C LYS I 7 -10.04 -19.08 9.80
N PRO I 8 -10.13 -18.29 8.71
CA PRO I 8 -8.95 -18.11 7.87
C PRO I 8 -7.87 -17.25 8.52
N LEU I 9 -8.25 -16.36 9.44
CA LEU I 9 -7.21 -15.51 10.09
C LEU I 9 -6.34 -16.32 11.06
N LEU I 10 -7.00 -17.23 11.80
CA LEU I 10 -6.29 -18.13 12.67
C LEU I 10 -5.51 -19.11 11.80
N LEU I 11 -6.14 -19.59 10.73
CA LEU I 11 -5.45 -20.49 9.82
C LEU I 11 -4.15 -19.85 9.22
N LYS I 12 -4.24 -18.58 8.86
CA LYS I 12 -3.14 -17.87 8.17
C LYS I 12 -1.97 -17.86 9.11
N LEU I 13 -2.28 -17.66 10.39
CA LEU I 13 -1.25 -17.62 11.41
C LEU I 13 -0.56 -18.98 11.56
N LEU I 14 -1.34 -20.08 11.64
CA LEU I 14 -0.78 -21.44 11.76
C LEU I 14 0.06 -21.81 10.52
N LYS I 15 -0.46 -21.50 9.33
CA LYS I 15 0.22 -21.81 8.04
C LYS I 15 1.45 -20.95 7.82
N SER I 16 1.55 -19.81 8.51
CA SER I 16 2.73 -18.93 8.38
C SER I 16 3.94 -19.52 9.06
N VAL I 17 3.73 -20.55 9.90
CA VAL I 17 4.85 -21.26 10.47
C VAL I 17 4.91 -22.75 10.08
N GLY I 18 4.14 -23.08 9.03
CA GLY I 18 4.27 -24.31 8.23
C GLY I 18 3.06 -25.27 8.31
N ALA I 19 2.00 -24.92 9.02
CA ALA I 19 0.75 -25.73 9.03
C ALA I 19 0.31 -26.00 7.63
N GLN I 20 -0.26 -27.20 7.39
CA GLN I 20 -0.52 -27.72 6.04
C GLN I 20 -1.94 -28.31 5.85
N LYS I 21 -2.81 -28.13 6.86
CA LYS I 21 -4.12 -28.80 6.94
C LYS I 21 -5.29 -27.80 7.14
N ASP I 22 -6.51 -28.22 6.90
CA ASP I 22 -7.70 -27.44 7.19
C ASP I 22 -8.20 -27.72 8.62
N THR I 23 -7.93 -28.92 9.10
CA THR I 23 -8.54 -29.30 10.35
C THR I 23 -7.45 -29.80 11.26
N TYR I 24 -7.69 -29.66 12.56
CA TYR I 24 -6.68 -29.88 13.61
C TYR I 24 -7.38 -30.25 14.87
N THR I 25 -6.67 -31.01 15.69
CA THR I 25 -7.03 -31.17 17.09
C THR I 25 -6.62 -29.89 17.83
N MET I 26 -7.24 -29.61 18.99
CA MET I 26 -6.89 -28.43 19.73
C MET I 26 -5.40 -28.44 20.09
N LYS I 27 -4.85 -29.62 20.41
CA LYS I 27 -3.46 -29.73 20.84
C LYS I 27 -2.58 -29.26 19.70
N GLU I 28 -2.93 -29.64 18.45
CA GLU I 28 -2.17 -29.24 17.27
C GLU I 28 -2.29 -27.74 17.04
N VAL I 29 -3.49 -27.18 17.23
CA VAL I 29 -3.66 -25.69 17.15
C VAL I 29 -2.73 -25.00 18.16
N LEU I 30 -2.71 -25.50 19.38
CA LEU I 30 -1.89 -24.87 20.38
C LEU I 30 -0.41 -25.10 20.04
N PHE I 31 -0.04 -26.26 19.55
CA PHE I 31 1.39 -26.50 19.26
C PHE I 31 1.91 -25.42 18.25
N TYR I 32 1.20 -25.28 17.15
CA TYR I 32 1.55 -24.34 16.12
C TYR I 32 1.47 -22.90 16.54
N LEU I 33 0.46 -22.57 17.35
CA LEU I 33 0.32 -21.22 17.84
C LEU I 33 1.45 -20.79 18.79
N GLY I 34 1.86 -21.67 19.71
CA GLY I 34 3.12 -21.46 20.50
C GLY I 34 4.42 -21.38 19.70
N GLN I 35 4.50 -22.23 18.67
CA GLN I 35 5.59 -22.22 17.69
C GLN I 35 5.66 -20.83 17.01
N TYR I 36 4.52 -20.29 16.56
CA TYR I 36 4.44 -18.92 15.96
C TYR I 36 5.02 -17.84 16.87
N ILE I 37 4.56 -17.83 18.13
CA ILE I 37 4.96 -16.81 19.11
C ILE I 37 6.49 -16.89 19.35
N MET I 38 6.99 -18.09 19.62
CA MET I 38 8.43 -18.33 19.68
C MET I 38 9.16 -17.99 18.37
N THR I 39 8.66 -18.51 17.24
CA THR I 39 9.32 -18.26 15.97
C THR I 39 9.43 -16.75 15.74
N LYS I 40 8.44 -15.98 16.19
CA LYS I 40 8.52 -14.53 15.97
C LYS I 40 9.12 -13.75 17.17
N ARG I 41 9.53 -14.49 18.18
CA ARG I 41 10.11 -14.00 19.41
C ARG I 41 9.21 -12.93 20.01
N LEU I 42 7.89 -13.21 20.07
CA LEU I 42 6.91 -12.26 20.59
C LEU I 42 6.76 -12.34 22.10
N TYR I 43 7.40 -13.33 22.72
CA TYR I 43 7.41 -13.44 24.17
C TYR I 43 8.38 -12.40 24.79
N ASP I 44 8.09 -11.92 26.01
CA ASP I 44 9.02 -11.04 26.70
C ASP I 44 10.30 -11.79 27.06
N GLU I 45 11.43 -11.15 26.85
CA GLU I 45 12.70 -11.69 27.29
C GLU I 45 12.82 -12.05 28.76
N LYS I 46 12.22 -11.27 29.65
CA LYS I 46 12.41 -11.45 31.13
C LYS I 46 11.16 -11.98 31.87
N GLN I 47 10.00 -11.75 31.31
CA GLN I 47 8.79 -12.24 31.94
C GLN I 47 8.12 -13.02 30.85
N GLN I 48 8.65 -14.22 30.64
CA GLN I 48 8.31 -15.05 29.46
C GLN I 48 6.82 -15.42 29.28
N HIS I 49 5.98 -15.11 30.26
CA HIS I 49 4.53 -15.28 30.11
C HIS I 49 3.85 -14.15 29.36
N ILE I 50 4.53 -13.03 29.20
CA ILE I 50 3.94 -11.89 28.48
C ILE I 50 4.28 -11.97 27.02
N VAL I 51 3.27 -11.77 26.20
CA VAL I 51 3.40 -11.77 24.77
C VAL I 51 2.98 -10.39 24.20
N TYR I 52 3.76 -9.88 23.24
CA TYR I 52 3.54 -8.56 22.65
C TYR I 52 3.02 -8.83 21.24
N CYS I 53 1.85 -8.30 20.89
CA CYS I 53 1.31 -8.59 19.56
C CYS I 53 0.80 -7.39 18.72
N SER I 54 1.27 -6.19 19.05
CA SER I 54 0.76 -4.97 18.40
C SER I 54 1.27 -4.95 16.96
N ASN I 55 0.36 -4.74 16.01
CA ASN I 55 0.69 -4.79 14.57
C ASN I 55 1.20 -6.19 14.15
N ASP I 56 0.34 -7.18 14.35
CA ASP I 56 0.67 -8.55 14.07
C ASP I 56 -0.63 -9.31 13.89
N LEU I 57 -0.66 -10.31 13.00
CA LEU I 57 -1.79 -11.27 12.91
C LEU I 57 -2.26 -11.67 14.30
N LEU I 58 -1.31 -11.89 15.20
CA LEU I 58 -1.70 -12.29 16.56
C LEU I 58 -2.54 -11.23 17.28
N GLY I 59 -2.08 -9.97 17.21
CA GLY I 59 -2.84 -8.79 17.66
C GLY I 59 -4.20 -8.67 17.00
N ASP I 60 -4.25 -8.98 15.69
CA ASP I 60 -5.56 -9.06 15.01
C ASP I 60 -6.44 -10.10 15.65
N LEU I 61 -5.83 -11.23 16.01
CA LEU I 61 -6.64 -12.30 16.55
C LEU I 61 -7.15 -11.95 17.93
N PHE I 62 -6.24 -11.54 18.80
CA PHE I 62 -6.56 -11.23 20.19
C PHE I 62 -7.33 -9.89 20.44
N GLY I 63 -7.22 -8.89 19.56
CA GLY I 63 -7.79 -7.55 19.82
C GLY I 63 -7.18 -6.76 20.98
N VAL I 64 -5.94 -7.06 21.35
CA VAL I 64 -5.25 -6.42 22.44
C VAL I 64 -3.79 -6.34 21.99
N PRO I 65 -3.03 -5.40 22.57
CA PRO I 65 -1.66 -5.21 22.11
C PRO I 65 -0.70 -6.14 22.82
N SER I 66 -1.09 -6.63 24.01
CA SER I 66 -0.25 -7.59 24.76
C SER I 66 -1.13 -8.55 25.55
N PHE I 67 -0.59 -9.67 26.01
CA PHE I 67 -1.31 -10.50 26.94
C PHE I 67 -0.38 -11.45 27.73
N SER I 68 -0.97 -12.16 28.68
CA SER I 68 -0.29 -13.07 29.55
C SER I 68 -0.70 -14.52 29.19
N VAL I 69 0.27 -15.40 29.01
CA VAL I 69 0.05 -16.84 28.80
C VAL I 69 -0.66 -17.49 29.99
N LYS I 70 -0.60 -16.82 31.16
CA LYS I 70 -1.24 -17.27 32.38
C LYS I 70 -2.76 -17.05 32.35
N GLU I 71 -3.24 -16.15 31.47
CA GLU I 71 -4.69 -15.96 31.24
C GLU I 71 -5.26 -17.04 30.30
N HIS I 72 -5.54 -18.21 30.83
CA HIS I 72 -6.06 -19.32 30.04
C HIS I 72 -7.41 -19.08 29.33
N ARG I 73 -8.44 -18.64 30.06
CA ARG I 73 -9.73 -18.32 29.47
C ARG I 73 -9.55 -17.43 28.23
N LYS I 74 -8.76 -16.35 28.36
CA LYS I 74 -8.56 -15.45 27.20
C LYS I 74 -7.95 -16.12 25.96
N ILE I 75 -6.99 -17.02 26.18
CA ILE I 75 -6.36 -17.74 25.10
C ILE I 75 -7.37 -18.70 24.41
N TYR I 76 -8.06 -19.52 25.19
CA TYR I 76 -9.13 -20.34 24.58
C TYR I 76 -10.26 -19.50 23.98
N THR I 77 -10.54 -18.35 24.57
CA THR I 77 -11.59 -17.45 24.06
C THR I 77 -11.23 -17.03 22.64
N MET I 78 -9.97 -16.75 22.40
CA MET I 78 -9.59 -16.38 21.06
C MET I 78 -9.69 -17.61 20.16
N ILE I 79 -9.16 -18.75 20.57
CA ILE I 79 -9.26 -19.88 19.63
C ILE I 79 -10.74 -20.16 19.27
N TYR I 80 -11.61 -20.24 20.28
CA TYR I 80 -13.01 -20.67 20.02
C TYR I 80 -13.77 -19.67 19.16
N ARG I 81 -13.34 -18.41 19.17
CA ARG I 81 -14.08 -17.43 18.38
C ARG I 81 -13.55 -17.48 16.97
N ASN I 82 -12.54 -18.31 16.73
CA ASN I 82 -11.87 -18.30 15.43
C ASN I 82 -11.89 -19.71 14.87
N LEU I 83 -12.90 -20.47 15.27
CA LEU I 83 -13.19 -21.77 14.69
C LEU I 83 -14.49 -21.72 13.89
N VAL I 84 -14.55 -22.41 12.75
CA VAL I 84 -15.81 -22.57 12.01
C VAL I 84 -16.70 -23.56 12.71
N THR J 1 10.98 -19.33 34.51
CA THR J 1 10.11 -20.24 33.69
C THR J 1 10.19 -19.69 32.28
N SER J 2 10.33 -20.59 31.30
CA SER J 2 10.45 -20.22 29.87
C SER J 2 9.03 -20.00 29.34
N PHE J 3 8.92 -19.28 28.23
CA PHE J 3 7.62 -19.14 27.58
C PHE J 3 7.13 -20.55 27.21
N ALA J 4 8.04 -21.34 26.66
CA ALA J 4 7.72 -22.72 26.23
C ALA J 4 7.14 -23.54 27.39
N GLU J 5 7.65 -23.33 28.60
CA GLU J 5 7.13 -24.05 29.78
C GLU J 5 5.78 -23.48 30.15
N TYR J 6 5.66 -22.14 30.16
CA TYR J 6 4.32 -21.53 30.30
C TYR J 6 3.32 -22.03 29.29
N TRP J 7 3.76 -22.10 28.03
CA TRP J 7 2.84 -22.40 26.95
C TRP J 7 2.35 -23.83 27.14
N ALA J 8 3.27 -24.71 27.52
CA ALA J 8 2.95 -26.12 27.63
C ALA J 8 1.90 -26.46 28.72
N LEU J 9 1.68 -25.57 29.69
CA LEU J 9 0.66 -25.79 30.74
C LEU J 9 -0.73 -25.47 30.26
N LEU J 10 -0.85 -25.04 29.00
CA LEU J 10 -2.15 -24.80 28.42
C LEU J 10 -2.97 -26.06 28.25
N SER J 11 -2.45 -27.08 27.55
CA SER J 11 -3.24 -28.29 27.26
C SER J 11 -3.32 -29.22 28.47
N THR K 2 -32.17 -45.32 -18.68
CA THR K 2 -32.77 -44.73 -19.93
C THR K 2 -31.77 -43.91 -20.71
N LEU K 3 -32.11 -43.62 -21.96
CA LEU K 3 -31.25 -42.79 -22.77
C LEU K 3 -31.74 -41.33 -22.77
N VAL K 4 -30.79 -40.43 -22.59
CA VAL K 4 -31.05 -39.01 -22.71
C VAL K 4 -30.39 -38.52 -23.98
N ARG K 5 -30.85 -37.37 -24.46
CA ARG K 5 -30.40 -36.87 -25.75
C ARG K 5 -29.84 -35.48 -25.58
N PRO K 6 -28.52 -35.36 -25.58
CA PRO K 6 -27.91 -34.04 -25.44
C PRO K 6 -28.41 -33.00 -26.44
N LYS K 7 -28.42 -31.72 -26.07
CA LYS K 7 -28.76 -30.64 -26.99
C LYS K 7 -27.42 -30.23 -27.61
N PRO K 8 -27.44 -29.33 -28.65
CA PRO K 8 -26.22 -29.23 -29.50
C PRO K 8 -24.93 -28.95 -28.72
N LEU K 9 -24.95 -27.92 -27.89
CA LEU K 9 -23.74 -27.47 -27.24
C LEU K 9 -23.14 -28.59 -26.37
N LEU K 10 -24.00 -29.31 -25.63
CA LEU K 10 -23.62 -30.44 -24.79
C LEU K 10 -23.03 -31.58 -25.60
N LEU K 11 -23.72 -31.94 -26.69
CA LEU K 11 -23.24 -32.98 -27.60
C LEU K 11 -21.83 -32.64 -28.07
N LYS K 12 -21.64 -31.44 -28.62
CA LYS K 12 -20.34 -31.04 -29.10
C LYS K 12 -19.28 -31.27 -28.00
N LEU K 13 -19.62 -30.93 -26.77
CA LEU K 13 -18.71 -31.05 -25.62
C LEU K 13 -18.26 -32.50 -25.33
N LEU K 14 -19.21 -33.44 -25.34
CA LEU K 14 -18.90 -34.88 -25.02
C LEU K 14 -18.04 -35.51 -26.10
N LYS K 15 -18.33 -35.15 -27.36
CA LYS K 15 -17.63 -35.69 -28.50
C LYS K 15 -16.20 -35.23 -28.54
N SER K 16 -15.94 -34.04 -27.98
CA SER K 16 -14.61 -33.48 -27.92
C SER K 16 -13.68 -34.26 -27.00
N VAL K 17 -14.23 -35.21 -26.23
CA VAL K 17 -13.41 -36.10 -25.44
C VAL K 17 -13.68 -37.57 -25.65
N GLY K 18 -14.29 -37.91 -26.79
CA GLY K 18 -14.43 -39.32 -27.18
C GLY K 18 -15.84 -39.86 -27.35
N ALA K 19 -16.83 -39.28 -26.67
CA ALA K 19 -18.23 -39.72 -26.87
C ALA K 19 -18.52 -39.69 -28.35
N GLN K 20 -19.47 -40.54 -28.78
CA GLN K 20 -19.70 -40.80 -30.21
C GLN K 20 -21.17 -40.79 -30.58
N LYS K 21 -22.04 -41.12 -29.64
CA LYS K 21 -23.45 -41.36 -29.92
C LYS K 21 -24.28 -40.09 -29.78
N ASP K 22 -25.55 -40.17 -30.16
CA ASP K 22 -26.49 -39.05 -29.97
C ASP K 22 -27.30 -39.19 -28.68
N THR K 23 -27.35 -40.39 -28.11
CA THR K 23 -28.08 -40.62 -26.86
C THR K 23 -27.24 -41.49 -25.94
N TYR K 24 -27.42 -41.25 -24.63
CA TYR K 24 -26.55 -41.77 -23.54
C TYR K 24 -27.38 -42.00 -22.27
N THR K 25 -26.88 -42.84 -21.39
CA THR K 25 -27.45 -42.87 -20.06
C THR K 25 -26.87 -41.67 -19.28
N MET K 26 -27.50 -41.31 -18.15
CA MET K 26 -26.97 -40.22 -17.33
C MET K 26 -25.57 -40.48 -16.82
N LYS K 27 -25.28 -41.76 -16.49
CA LYS K 27 -23.96 -42.12 -15.97
C LYS K 27 -22.90 -41.81 -17.01
N GLU K 28 -23.18 -42.14 -18.27
CA GLU K 28 -22.25 -41.89 -19.35
C GLU K 28 -22.02 -40.39 -19.55
N VAL K 29 -23.10 -39.59 -19.49
CA VAL K 29 -22.97 -38.18 -19.65
C VAL K 29 -22.07 -37.61 -18.52
N LEU K 30 -22.27 -38.07 -17.30
CA LEU K 30 -21.40 -37.59 -16.21
C LEU K 30 -20.00 -38.05 -16.31
N PHE K 31 -19.84 -39.31 -16.69
CA PHE K 31 -18.49 -39.83 -16.98
C PHE K 31 -17.70 -38.93 -17.87
N TYR K 32 -18.29 -38.64 -19.04
CA TYR K 32 -17.63 -37.87 -20.09
C TYR K 32 -17.49 -36.39 -19.75
N LEU K 33 -18.49 -35.78 -19.10
CA LEU K 33 -18.36 -34.38 -18.62
C LEU K 33 -17.23 -34.25 -17.54
N GLY K 34 -17.07 -35.25 -16.67
CA GLY K 34 -16.07 -35.09 -15.62
C GLY K 34 -14.70 -35.28 -16.27
N GLN K 35 -14.67 -36.14 -17.26
CA GLN K 35 -13.48 -36.39 -18.07
C GLN K 35 -13.08 -35.13 -18.83
N TYR K 36 -14.07 -34.47 -19.42
CA TYR K 36 -13.86 -33.20 -20.14
C TYR K 36 -13.24 -32.14 -19.24
N ILE K 37 -13.82 -31.96 -18.05
CA ILE K 37 -13.31 -30.96 -17.06
C ILE K 37 -11.84 -31.27 -16.70
N MET K 38 -11.55 -32.53 -16.46
CA MET K 38 -10.15 -32.94 -16.16
C MET K 38 -9.19 -32.74 -17.36
N THR K 39 -9.65 -33.29 -18.49
CA THR K 39 -8.94 -33.14 -19.76
C THR K 39 -8.57 -31.68 -20.09
N LYS K 40 -9.50 -30.75 -19.86
CA LYS K 40 -9.26 -29.31 -20.10
C LYS K 40 -8.78 -28.53 -18.88
N ARG K 41 -8.46 -29.27 -17.81
CA ARG K 41 -7.88 -28.74 -16.57
C ARG K 41 -8.66 -27.52 -16.11
N LEU K 42 -9.98 -27.64 -16.05
CA LEU K 42 -10.84 -26.51 -15.67
C LEU K 42 -11.00 -26.46 -14.16
N TYR K 43 -10.52 -27.49 -13.47
CA TYR K 43 -10.58 -27.49 -12.00
C TYR K 43 -9.52 -26.64 -11.31
N ASP K 44 -9.89 -26.03 -10.18
CA ASP K 44 -8.92 -25.21 -9.47
C ASP K 44 -7.90 -26.19 -8.89
N GLU K 45 -6.62 -25.81 -8.86
CA GLU K 45 -5.56 -26.69 -8.34
C GLU K 45 -5.66 -26.96 -6.84
N LYS K 46 -6.13 -25.95 -6.09
CA LYS K 46 -6.09 -25.96 -4.64
C LYS K 46 -7.42 -26.34 -3.96
N GLN K 47 -8.52 -25.81 -4.49
CA GLN K 47 -9.87 -26.18 -4.05
C GLN K 47 -10.56 -26.92 -5.20
N GLN K 48 -10.37 -28.24 -5.29
CA GLN K 48 -10.63 -28.99 -6.54
C GLN K 48 -12.09 -29.14 -6.88
N HIS K 49 -13.01 -28.75 -5.99
CA HIS K 49 -14.43 -28.71 -6.39
C HIS K 49 -14.82 -27.46 -7.20
N ILE K 50 -13.91 -26.49 -7.25
CA ILE K 50 -14.14 -25.30 -8.10
C ILE K 50 -13.75 -25.60 -9.55
N VAL K 51 -14.65 -25.24 -10.45
CA VAL K 51 -14.44 -25.42 -11.87
C VAL K 51 -14.70 -24.06 -12.53
N TYR K 52 -13.72 -23.60 -13.37
CA TYR K 52 -13.77 -22.37 -14.12
C TYR K 52 -14.38 -22.68 -15.52
N CYS K 53 -15.42 -21.96 -15.92
CA CYS K 53 -15.92 -22.17 -17.27
C CYS K 53 -16.10 -20.91 -18.12
N SER K 54 -15.65 -19.77 -17.61
CA SER K 54 -15.41 -18.56 -18.42
C SER K 54 -14.67 -18.87 -19.70
N ASN K 55 -15.08 -18.28 -20.82
CA ASN K 55 -14.39 -18.53 -22.08
C ASN K 55 -14.10 -20.01 -22.38
N ASP K 56 -15.02 -20.87 -21.95
CA ASP K 56 -15.06 -22.31 -22.32
C ASP K 56 -16.47 -22.65 -22.78
N LEU K 57 -16.55 -23.58 -23.72
CA LEU K 57 -17.80 -24.18 -24.13
C LEU K 57 -18.68 -24.52 -22.91
N LEU K 58 -18.07 -25.14 -21.89
CA LEU K 58 -18.84 -25.55 -20.71
C LEU K 58 -19.53 -24.34 -20.10
N GLY K 59 -18.86 -23.19 -20.14
CA GLY K 59 -19.48 -21.97 -19.64
C GLY K 59 -20.72 -21.54 -20.43
N ASP K 60 -20.71 -21.75 -21.74
CA ASP K 60 -21.88 -21.43 -22.59
C ASP K 60 -23.05 -22.34 -22.28
N LEU K 61 -22.74 -23.59 -21.89
CA LEU K 61 -23.74 -24.57 -21.52
C LEU K 61 -24.42 -24.22 -20.21
N PHE K 62 -23.62 -23.81 -19.25
CA PHE K 62 -24.15 -23.68 -17.91
C PHE K 62 -24.69 -22.28 -17.64
N GLY K 63 -24.10 -21.31 -18.29
CA GLY K 63 -24.46 -19.91 -18.12
C GLY K 63 -23.82 -19.24 -16.92
N VAL K 64 -22.73 -19.83 -16.41
CA VAL K 64 -22.01 -19.37 -15.20
C VAL K 64 -20.51 -19.30 -15.49
N PRO K 65 -19.77 -18.45 -14.74
CA PRO K 65 -18.33 -18.28 -14.89
C PRO K 65 -17.52 -19.34 -14.14
N SER K 66 -18.15 -19.90 -13.11
CA SER K 66 -17.60 -21.01 -12.36
C SER K 66 -18.73 -21.57 -11.51
N PHE K 67 -18.44 -22.71 -10.88
CA PHE K 67 -19.35 -23.49 -10.03
C PHE K 67 -18.57 -24.45 -9.10
N SER K 68 -19.19 -24.82 -7.98
CA SER K 68 -18.66 -25.86 -7.11
C SER K 68 -19.30 -27.21 -7.46
N VAL K 69 -18.46 -28.24 -7.56
CA VAL K 69 -18.89 -29.63 -7.75
C VAL K 69 -19.81 -30.09 -6.59
N LYS K 70 -19.58 -29.56 -5.39
CA LYS K 70 -20.45 -29.81 -4.24
C LYS K 70 -21.92 -29.42 -4.36
N GLU K 71 -22.29 -28.70 -5.42
CA GLU K 71 -23.67 -28.20 -5.55
C GLU K 71 -24.41 -29.18 -6.46
N HIS K 72 -24.78 -30.31 -5.88
CA HIS K 72 -25.25 -31.48 -6.66
C HIS K 72 -26.45 -31.24 -7.47
N ARG K 73 -27.52 -30.76 -6.82
CA ARG K 73 -28.75 -30.45 -7.53
C ARG K 73 -28.55 -29.34 -8.60
N LYS K 74 -27.89 -28.25 -8.25
CA LYS K 74 -27.68 -27.18 -9.25
C LYS K 74 -26.97 -27.64 -10.52
N ILE K 75 -26.03 -28.56 -10.40
CA ILE K 75 -25.32 -29.11 -11.54
C ILE K 75 -26.16 -30.04 -12.34
N TYR K 76 -26.91 -30.94 -11.66
CA TYR K 76 -27.88 -31.76 -12.39
C TYR K 76 -28.91 -30.91 -13.06
N THR K 77 -29.33 -29.84 -12.39
CA THR K 77 -30.32 -28.93 -13.02
C THR K 77 -29.77 -28.33 -14.31
N MET K 78 -28.54 -27.84 -14.25
CA MET K 78 -27.87 -27.24 -15.43
C MET K 78 -27.71 -28.29 -16.55
N ILE K 79 -27.37 -29.52 -16.19
CA ILE K 79 -27.26 -30.63 -17.18
C ILE K 79 -28.60 -30.85 -17.82
N TYR K 80 -29.64 -30.98 -16.99
CA TYR K 80 -30.96 -31.25 -17.55
C TYR K 80 -31.54 -30.19 -18.50
N ARG K 81 -31.20 -28.90 -18.31
CA ARG K 81 -31.50 -27.87 -19.31
C ARG K 81 -30.81 -28.22 -20.65
N ASN K 82 -29.75 -29.01 -20.60
CA ASN K 82 -28.99 -29.32 -21.82
C ASN K 82 -29.27 -30.70 -22.46
N LEU K 83 -30.39 -31.28 -22.04
CA LEU K 83 -30.84 -32.59 -22.40
C LEU K 83 -32.33 -32.52 -22.71
N VAL K 84 -32.76 -33.28 -23.69
CA VAL K 84 -34.19 -33.55 -23.90
C VAL K 84 -34.53 -34.92 -23.31
N THR L 1 -8.97 -33.57 -1.07
CA THR L 1 -9.99 -34.20 -1.98
C THR L 1 -9.81 -33.76 -3.43
N SER L 2 -9.67 -34.77 -4.29
CA SER L 2 -9.39 -34.53 -5.68
C SER L 2 -10.71 -34.17 -6.37
N PHE L 3 -10.62 -33.40 -7.46
CA PHE L 3 -11.73 -33.24 -8.38
C PHE L 3 -12.38 -34.62 -8.63
N ALA L 4 -11.57 -35.62 -8.98
CA ALA L 4 -12.12 -36.92 -9.41
C ALA L 4 -13.07 -37.42 -8.36
N GLU L 5 -12.70 -37.17 -7.10
CA GLU L 5 -13.49 -37.68 -5.93
C GLU L 5 -14.74 -36.86 -5.67
N TYR L 6 -14.62 -35.52 -5.74
CA TYR L 6 -15.80 -34.65 -5.63
C TYR L 6 -16.75 -35.06 -6.72
N TRP L 7 -16.19 -35.33 -7.90
CA TRP L 7 -17.00 -35.69 -9.06
C TRP L 7 -17.66 -37.05 -8.93
N ALA L 8 -16.97 -38.05 -8.40
CA ALA L 8 -17.61 -39.34 -8.12
C ALA L 8 -18.80 -39.20 -7.17
N LEU L 9 -18.66 -38.29 -6.21
CA LEU L 9 -19.71 -38.09 -5.21
C LEU L 9 -20.92 -37.48 -5.85
N LEU L 10 -20.72 -36.44 -6.68
CA LEU L 10 -21.76 -35.95 -7.61
C LEU L 10 -22.43 -36.99 -8.51
N SER L 11 -21.62 -37.82 -9.17
CA SER L 11 -22.10 -38.80 -10.13
C SER L 11 -23.01 -39.94 -9.53
N PRO L 12 -23.81 -40.62 -10.37
CA PRO L 12 -24.73 -41.72 -9.98
C PRO L 12 -23.98 -42.92 -9.36
N LEU M 3 7.55 13.96 -2.97
CA LEU M 3 8.36 14.88 -2.13
C LEU M 3 9.88 14.62 -2.23
N VAL M 4 10.65 15.68 -2.52
CA VAL M 4 12.09 15.50 -2.56
C VAL M 4 12.77 16.28 -1.46
N ARG M 5 13.97 15.84 -1.09
CA ARG M 5 14.72 16.37 0.02
C ARG M 5 16.02 17.09 -0.43
N PRO M 6 16.02 18.44 -0.41
CA PRO M 6 17.23 19.23 -0.79
C PRO M 6 18.44 18.98 0.13
N LYS M 7 19.64 18.93 -0.47
CA LYS M 7 20.90 18.75 0.27
C LYS M 7 21.23 20.15 0.81
N PRO M 8 22.27 20.33 1.69
CA PRO M 8 22.32 21.55 2.54
C PRO M 8 22.45 22.90 1.80
N LEU M 9 23.32 22.96 0.78
CA LEU M 9 23.46 24.15 -0.05
C LEU M 9 22.15 24.56 -0.74
N LEU M 10 21.37 23.60 -1.23
CA LEU M 10 20.11 23.94 -1.88
C LEU M 10 19.05 24.37 -0.91
N LEU M 11 18.99 23.67 0.20
CA LEU M 11 18.09 24.04 1.29
C LEU M 11 18.38 25.45 1.75
N LYS M 12 19.66 25.76 1.91
CA LYS M 12 20.10 27.08 2.30
C LYS M 12 19.65 28.12 1.25
N LEU M 13 19.71 27.77 -0.05
CA LEU M 13 19.28 28.73 -1.08
C LEU M 13 17.77 28.94 -1.04
N LEU M 14 17.04 27.85 -1.06
CA LEU M 14 15.56 27.87 -0.96
C LEU M 14 15.07 28.61 0.25
N LYS M 15 15.72 28.40 1.38
CA LYS M 15 15.41 29.18 2.56
C LYS M 15 15.68 30.67 2.40
N SER M 16 16.76 31.05 1.69
CA SER M 16 17.12 32.48 1.61
C SER M 16 16.00 33.30 0.94
N VAL M 17 15.08 32.61 0.25
CA VAL M 17 14.00 33.31 -0.44
C VAL M 17 12.61 33.00 0.10
N GLY M 18 12.55 32.40 1.29
CA GLY M 18 11.26 32.19 1.99
C GLY M 18 10.81 30.76 2.21
N ALA M 19 11.47 29.79 1.56
CA ALA M 19 11.02 28.37 1.69
C ALA M 19 11.27 27.88 3.10
N GLN M 20 10.27 27.19 3.66
CA GLN M 20 10.16 26.92 5.11
C GLN M 20 10.01 25.44 5.48
N LYS M 21 10.56 24.54 4.67
CA LYS M 21 10.43 23.08 4.90
C LYS M 21 11.68 22.31 4.51
N ASP M 22 11.72 21.03 4.86
CA ASP M 22 12.82 20.12 4.47
C ASP M 22 12.56 19.41 3.17
N THR M 23 11.29 19.29 2.79
CA THR M 23 10.91 18.50 1.64
C THR M 23 9.95 19.27 0.74
N TYR M 24 10.10 19.01 -0.54
CA TYR M 24 9.28 19.73 -1.55
C TYR M 24 8.87 18.83 -2.73
N THR M 25 7.79 19.19 -3.43
CA THR M 25 7.68 18.76 -4.79
C THR M 25 8.79 19.33 -5.69
N MET M 26 9.05 18.68 -6.82
CA MET M 26 9.90 19.25 -7.84
C MET M 26 9.36 20.61 -8.29
N LYS M 27 8.04 20.73 -8.43
CA LYS M 27 7.51 22.01 -8.88
C LYS M 27 7.75 23.15 -7.85
N GLU M 28 7.66 22.85 -6.56
CA GLU M 28 8.01 23.87 -5.55
C GLU M 28 9.49 24.19 -5.62
N VAL M 29 10.34 23.17 -5.80
CA VAL M 29 11.78 23.42 -5.87
C VAL M 29 12.06 24.33 -7.06
N LEU M 30 11.48 24.03 -8.24
CA LEU M 30 11.70 24.90 -9.42
C LEU M 30 11.18 26.32 -9.25
N PHE M 31 10.01 26.42 -8.59
CA PHE M 31 9.45 27.74 -8.21
C PHE M 31 10.44 28.63 -7.44
N TYR M 32 10.97 28.10 -6.33
CA TYR M 32 11.85 28.89 -5.53
C TYR M 32 13.22 29.16 -6.12
N LEU M 33 13.77 28.19 -6.88
CA LEU M 33 15.07 28.38 -7.49
C LEU M 33 14.96 29.47 -8.56
N GLY M 34 13.93 29.40 -9.39
CA GLY M 34 13.66 30.48 -10.38
C GLY M 34 13.56 31.83 -9.66
N GLN M 35 12.81 31.79 -8.58
CA GLN M 35 12.62 32.96 -7.72
C GLN M 35 13.96 33.49 -7.19
N TYR M 36 14.80 32.55 -6.75
CA TYR M 36 16.12 32.91 -6.25
C TYR M 36 16.88 33.55 -7.35
N ILE M 37 16.90 32.92 -8.55
CA ILE M 37 17.64 33.45 -9.69
C ILE M 37 17.20 34.92 -9.95
N MET M 38 15.90 35.17 -9.87
CA MET M 38 15.36 36.51 -10.11
C MET M 38 15.66 37.50 -8.99
N THR M 39 15.56 37.06 -7.73
CA THR M 39 15.73 37.98 -6.57
C THR M 39 17.16 38.55 -6.57
N LYS M 40 18.08 37.68 -6.96
CA LYS M 40 19.50 38.04 -7.06
C LYS M 40 19.94 38.51 -8.40
N ARG M 41 19.02 38.56 -9.35
CA ARG M 41 19.25 39.16 -10.67
C ARG M 41 20.50 38.55 -11.39
N LEU M 42 20.61 37.22 -11.28
CA LEU M 42 21.67 36.44 -11.92
C LEU M 42 21.49 36.20 -13.42
N TYR M 43 20.30 36.42 -13.94
CA TYR M 43 20.14 36.28 -15.38
C TYR M 43 20.82 37.41 -16.18
N ASP M 44 21.22 37.09 -17.42
CA ASP M 44 21.77 38.09 -18.35
C ASP M 44 20.59 38.95 -18.83
N GLU M 45 20.84 40.26 -18.86
CA GLU M 45 19.86 41.30 -19.14
C GLU M 45 19.41 41.21 -20.61
N LYS M 46 20.30 40.74 -21.49
CA LYS M 46 20.03 40.75 -22.93
C LYS M 46 19.71 39.39 -23.52
N GLN M 47 20.36 38.32 -23.05
CA GLN M 47 20.03 36.91 -23.38
C GLN M 47 19.61 36.20 -22.06
N GLN M 48 18.30 36.19 -21.80
CA GLN M 48 17.78 35.99 -20.46
C GLN M 48 17.76 34.58 -19.99
N HIS M 49 18.04 33.63 -20.89
CA HIS M 49 18.27 32.22 -20.48
C HIS M 49 19.67 31.94 -19.91
N ILE M 50 20.55 32.92 -20.07
CA ILE M 50 21.86 32.85 -19.43
C ILE M 50 21.81 33.33 -18.00
N VAL M 51 22.38 32.50 -17.14
CA VAL M 51 22.41 32.76 -15.73
C VAL M 51 23.85 32.69 -15.29
N TYR M 52 24.26 33.69 -14.53
CA TYR M 52 25.63 33.69 -14.01
C TYR M 52 25.62 33.17 -12.57
N CYS M 53 26.50 32.22 -12.29
CA CYS M 53 26.62 31.48 -10.99
C CYS M 53 27.88 31.80 -10.24
N SER M 54 28.78 32.56 -10.86
CA SER M 54 30.06 32.93 -10.28
C SER M 54 29.91 33.70 -8.97
N ASN M 55 30.69 33.29 -7.97
CA ASN M 55 30.71 34.00 -6.69
C ASN M 55 29.32 34.13 -6.07
N ASP M 56 28.43 33.19 -6.45
CA ASP M 56 27.12 32.98 -5.82
C ASP M 56 27.00 31.56 -5.26
N LEU M 57 26.13 31.38 -4.26
CA LEU M 57 25.76 30.07 -3.76
C LEU M 57 25.25 29.09 -4.87
N LEU M 58 24.53 29.59 -5.87
CA LEU M 58 24.09 28.65 -6.93
C LEU M 58 25.25 28.08 -7.71
N GLY M 59 26.21 28.94 -7.99
CA GLY M 59 27.56 28.50 -8.36
C GLY M 59 28.11 27.34 -7.55
N ASP M 60 28.01 27.40 -6.23
CA ASP M 60 28.62 26.35 -5.37
C ASP M 60 27.83 25.07 -5.57
N LEU M 61 26.52 25.19 -5.75
CA LEU M 61 25.59 24.07 -5.85
C LEU M 61 25.77 23.38 -7.18
N PHE M 62 25.73 24.20 -8.24
CA PHE M 62 25.83 23.65 -9.58
C PHE M 62 27.25 23.30 -10.06
N GLY M 63 28.25 23.92 -9.45
CA GLY M 63 29.64 23.71 -9.86
C GLY M 63 30.03 24.18 -11.26
N VAL M 64 29.31 25.18 -11.80
CA VAL M 64 29.58 25.78 -13.12
C VAL M 64 29.58 27.32 -12.93
N PRO M 65 30.37 28.08 -13.71
CA PRO M 65 30.31 29.56 -13.74
C PRO M 65 29.05 30.21 -14.32
N SER M 66 28.40 29.49 -15.23
CA SER M 66 27.15 29.92 -15.87
C SER M 66 26.51 28.71 -16.55
N PHE M 67 25.26 28.90 -16.93
CA PHE M 67 24.46 27.88 -17.62
C PHE M 67 23.39 28.52 -18.46
N SER M 68 22.89 27.77 -19.44
CA SER M 68 21.66 28.17 -20.19
C SER M 68 20.49 27.32 -19.74
N VAL M 69 19.40 28.04 -19.44
CA VAL M 69 18.10 27.52 -19.03
C VAL M 69 17.60 26.60 -20.12
N LYS M 70 18.00 26.86 -21.37
CA LYS M 70 17.55 26.05 -22.51
C LYS M 70 18.00 24.60 -22.36
N GLU M 71 19.06 24.40 -21.58
CA GLU M 71 19.69 23.07 -21.38
C GLU M 71 18.93 22.24 -20.36
N HIS M 72 17.76 21.72 -20.73
CA HIS M 72 16.77 21.25 -19.75
C HIS M 72 17.23 20.03 -19.03
N ARG M 73 17.71 19.04 -19.78
CA ARG M 73 18.29 17.87 -19.13
C ARG M 73 19.43 18.28 -18.17
N LYS M 74 20.33 19.14 -18.64
CA LYS M 74 21.47 19.62 -17.84
C LYS M 74 21.02 20.21 -16.53
N ILE M 75 19.95 21.01 -16.57
CA ILE M 75 19.43 21.65 -15.37
C ILE M 75 18.86 20.66 -14.41
N TYR M 76 18.04 19.72 -14.90
CA TYR M 76 17.51 18.70 -13.96
C TYR M 76 18.60 17.85 -13.37
N THR M 77 19.63 17.57 -14.15
CA THR M 77 20.72 16.80 -13.60
C THR M 77 21.45 17.47 -12.43
N MET M 78 21.73 18.78 -12.59
CA MET M 78 22.37 19.50 -11.47
C MET M 78 21.45 19.64 -10.27
N ILE M 79 20.14 19.85 -10.54
CA ILE M 79 19.13 19.90 -9.48
C ILE M 79 19.04 18.57 -8.75
N TYR M 80 18.97 17.47 -9.50
CA TYR M 80 18.81 16.18 -8.87
C TYR M 80 20.04 15.85 -8.03
N ARG M 81 21.19 16.41 -8.41
CA ARG M 81 22.45 16.12 -7.73
C ARG M 81 22.43 16.77 -6.34
N ASN M 82 21.51 17.73 -6.19
CA ASN M 82 21.28 18.46 -4.97
C ASN M 82 20.04 18.06 -4.22
N LEU M 83 19.60 16.84 -4.48
CA LEU M 83 18.35 16.30 -3.99
C LEU M 83 18.58 14.83 -3.64
N VAL M 84 17.92 14.38 -2.56
CA VAL M 84 17.72 12.94 -2.28
C VAL M 84 16.25 12.67 -2.66
N VAL M 85 16.01 11.70 -3.54
CA VAL M 85 14.64 11.44 -4.00
C VAL M 85 14.09 10.12 -3.47
N THR N 1 12.25 37.07 -25.02
CA THR N 1 11.74 36.17 -23.97
C THR N 1 12.42 36.42 -22.59
N SER N 2 11.62 36.66 -21.56
CA SER N 2 12.11 36.88 -20.19
C SER N 2 12.85 35.67 -19.62
N PHE N 3 13.58 35.86 -18.53
CA PHE N 3 14.11 34.72 -17.82
C PHE N 3 12.94 33.92 -17.30
N ALA N 4 11.91 34.64 -16.81
CA ALA N 4 10.78 34.00 -16.15
C ALA N 4 10.13 33.02 -17.09
N GLU N 5 10.00 33.40 -18.34
CA GLU N 5 9.40 32.50 -19.35
C GLU N 5 10.28 31.33 -19.68
N TYR N 6 11.57 31.59 -19.89
CA TYR N 6 12.51 30.45 -20.05
C TYR N 6 12.39 29.45 -18.90
N TRP N 7 12.27 29.96 -17.68
CA TRP N 7 12.32 29.13 -16.48
C TRP N 7 11.00 28.33 -16.45
N ALA N 8 9.90 28.98 -16.86
CA ALA N 8 8.62 28.27 -16.90
C ALA N 8 8.63 27.07 -17.88
N LEU N 9 9.21 27.28 -19.04
CA LEU N 9 9.38 26.17 -19.97
C LEU N 9 10.12 24.94 -19.44
N LEU N 10 10.73 25.02 -18.25
CA LEU N 10 11.35 23.81 -17.59
C LEU N 10 10.37 22.71 -17.25
N SER N 11 9.11 23.04 -16.91
CA SER N 11 8.09 21.98 -16.84
C SER N 11 7.12 22.02 -18.03
N THR O 2 18.04 -0.59 16.57
CA THR O 2 17.38 -0.31 15.22
C THR O 2 18.24 0.64 14.37
N LEU O 3 17.88 0.82 13.09
CA LEU O 3 18.65 1.71 12.23
C LEU O 3 17.96 3.04 11.99
N VAL O 4 18.79 4.07 11.83
CA VAL O 4 18.29 5.43 11.66
C VAL O 4 18.85 5.99 10.38
N ARG O 5 18.17 6.98 9.85
CA ARG O 5 18.55 7.49 8.58
C ARG O 5 18.78 8.99 8.65
N PRO O 6 20.06 9.45 8.71
CA PRO O 6 20.39 10.89 8.79
C PRO O 6 19.86 11.71 7.61
N LYS O 7 19.40 12.92 7.91
CA LYS O 7 19.07 13.89 6.85
C LYS O 7 20.40 14.33 6.21
N PRO O 8 20.36 14.99 5.05
CA PRO O 8 21.60 15.27 4.32
C PRO O 8 22.73 16.00 5.08
N LEU O 9 22.36 16.90 5.96
CA LEU O 9 23.38 17.70 6.64
C LEU O 9 24.06 16.85 7.69
N LEU O 10 23.27 16.15 8.50
CA LEU O 10 23.87 15.21 9.45
C LEU O 10 24.74 14.19 8.68
N LEU O 11 24.18 13.64 7.60
CA LEU O 11 24.92 12.69 6.75
C LEU O 11 26.26 13.25 6.19
N LYS O 12 26.23 14.44 5.60
CA LYS O 12 27.40 15.22 5.20
C LYS O 12 28.52 15.24 6.27
N LEU O 13 28.11 15.54 7.49
CA LEU O 13 29.08 15.59 8.61
C LEU O 13 29.75 14.22 8.83
N LEU O 14 28.95 13.17 8.89
CA LEU O 14 29.41 11.80 9.19
C LEU O 14 30.36 11.25 8.14
N LYS O 15 30.04 11.45 6.87
CA LYS O 15 30.89 11.03 5.75
C LYS O 15 32.17 11.85 5.63
N SER O 16 32.16 13.10 6.10
CA SER O 16 33.40 13.93 6.07
C SER O 16 34.46 13.33 7.00
N VAL O 17 34.01 12.50 7.92
CA VAL O 17 34.89 11.83 8.84
C VAL O 17 35.02 10.31 8.57
N GLY O 18 34.48 9.84 7.45
CA GLY O 18 34.75 8.44 7.04
C GLY O 18 33.58 7.49 6.94
N ALA O 19 32.42 7.91 7.44
CA ALA O 19 31.20 7.13 7.29
C ALA O 19 30.88 6.87 5.80
N GLN O 20 30.35 5.66 5.53
CA GLN O 20 30.18 5.12 4.18
C GLN O 20 28.72 4.82 3.77
N LYS O 21 27.79 4.85 4.72
CA LYS O 21 26.43 4.39 4.41
C LYS O 21 25.31 5.44 4.63
N ASP O 22 24.07 5.07 4.30
CA ASP O 22 22.89 5.91 4.53
C ASP O 22 22.13 5.61 5.82
N THR O 23 22.25 4.41 6.35
CA THR O 23 21.59 4.14 7.62
C THR O 23 22.54 3.67 8.72
N TYR O 24 22.25 4.06 9.98
CA TYR O 24 23.14 3.79 11.16
C TYR O 24 22.38 3.33 12.43
N THR O 25 23.06 2.62 13.34
CA THR O 25 22.58 2.58 14.73
C THR O 25 22.82 3.95 15.34
N MET O 26 22.08 4.30 16.40
CA MET O 26 22.37 5.50 17.17
C MET O 26 23.79 5.49 17.74
N LYS O 27 24.21 4.32 18.23
CA LYS O 27 25.56 4.15 18.74
C LYS O 27 26.62 4.48 17.68
N GLU O 28 26.34 4.15 16.42
CA GLU O 28 27.19 4.48 15.28
C GLU O 28 27.19 5.98 14.95
N VAL O 29 26.03 6.63 15.01
CA VAL O 29 26.02 8.06 14.75
C VAL O 29 26.89 8.72 15.81
N LEU O 30 26.76 8.27 17.09
CA LEU O 30 27.42 8.95 18.18
C LEU O 30 28.90 8.70 18.07
N PHE O 31 29.28 7.50 17.69
CA PHE O 31 30.67 7.19 17.47
C PHE O 31 31.25 8.20 16.48
N TYR O 32 30.67 8.32 15.29
CA TYR O 32 31.22 9.17 14.20
C TYR O 32 31.09 10.64 14.52
N LEU O 33 30.08 11.00 15.26
CA LEU O 33 29.93 12.40 15.69
C LEU O 33 31.04 12.85 16.72
N GLY O 34 31.32 12.03 17.72
CA GLY O 34 32.45 12.24 18.65
C GLY O 34 33.73 12.33 17.83
N GLN O 35 33.85 11.41 16.91
CA GLN O 35 35.06 11.33 16.10
C GLN O 35 35.26 12.63 15.33
N TYR O 36 34.19 13.13 14.74
CA TYR O 36 34.21 14.40 14.03
C TYR O 36 34.76 15.52 14.90
N ILE O 37 34.17 15.72 16.08
CA ILE O 37 34.60 16.77 17.00
C ILE O 37 36.09 16.64 17.39
N MET O 38 36.52 15.42 17.69
CA MET O 38 37.93 15.21 18.01
C MET O 38 38.85 15.38 16.78
N THR O 39 38.44 14.82 15.65
CA THR O 39 39.16 15.02 14.40
C THR O 39 39.24 16.51 14.06
N LYS O 40 38.11 17.21 14.19
CA LYS O 40 38.11 18.64 13.80
C LYS O 40 38.65 19.55 14.87
N ARG O 41 39.05 18.96 16.00
CA ARG O 41 39.62 19.66 17.18
C ARG O 41 38.74 20.77 17.72
N LEU O 42 37.44 20.50 17.78
CA LEU O 42 36.44 21.51 18.09
C LEU O 42 36.16 21.58 19.60
N TYR O 43 36.60 20.57 20.35
CA TYR O 43 36.51 20.60 21.82
C TYR O 43 37.57 21.54 22.37
N ASP O 44 37.27 22.15 23.52
CA ASP O 44 38.25 22.98 24.23
C ASP O 44 39.30 22.07 24.85
N GLU O 45 40.56 22.32 24.47
CA GLU O 45 41.75 21.72 25.09
C GLU O 45 41.81 21.67 26.60
N LYS O 46 41.32 22.69 27.29
CA LYS O 46 41.43 22.73 28.75
C LYS O 46 40.13 22.33 29.46
N GLN O 47 39.03 22.67 28.84
CA GLN O 47 37.73 22.44 29.47
C GLN O 47 37.02 21.53 28.54
N GLN O 48 37.26 20.24 28.71
CA GLN O 48 36.94 19.34 27.59
C GLN O 48 35.50 18.92 27.34
N HIS O 49 34.55 19.37 28.18
CA HIS O 49 33.10 19.22 27.84
C HIS O 49 32.56 20.33 26.89
N ILE O 50 33.41 21.35 26.68
CA ILE O 50 33.08 22.44 25.74
C ILE O 50 33.45 22.19 24.27
N VAL O 51 32.47 22.28 23.38
CA VAL O 51 32.71 22.14 21.92
C VAL O 51 32.30 23.46 21.27
N TYR O 52 33.18 24.08 20.47
N TYR O 52 33.16 24.01 20.40
CA TYR O 52 32.76 25.25 19.66
CA TYR O 52 32.88 25.25 19.64
C TYR O 52 32.41 24.81 18.24
C TYR O 52 32.52 24.97 18.16
N CYS O 53 31.33 25.40 17.72
CA CYS O 53 30.75 24.97 16.42
C CYS O 53 30.35 26.07 15.45
N SER O 54 30.51 27.33 15.86
CA SER O 54 30.26 28.47 14.99
C SER O 54 31.09 28.29 13.72
N ASN O 55 30.47 28.68 12.62
CA ASN O 55 30.99 28.54 11.26
C ASN O 55 31.43 27.12 10.85
N ASP O 56 30.71 26.11 11.33
CA ASP O 56 31.04 24.73 11.08
C ASP O 56 29.74 24.07 10.63
N LEU O 57 29.82 22.95 9.90
CA LEU O 57 28.63 22.14 9.67
C LEU O 57 27.98 21.85 11.02
N LEU O 58 28.81 21.66 12.04
CA LEU O 58 28.27 21.33 13.37
C LEU O 58 27.40 22.43 14.00
N GLY O 59 27.77 23.68 13.82
CA GLY O 59 26.94 24.82 14.27
C GLY O 59 25.67 24.91 13.45
N ASP O 60 25.74 24.51 12.18
CA ASP O 60 24.54 24.51 11.33
C ASP O 60 23.45 23.61 11.94
N LEU O 61 23.86 22.41 12.35
CA LEU O 61 22.97 21.44 12.92
C LEU O 61 22.52 21.82 14.32
N PHE O 62 23.43 22.31 15.18
CA PHE O 62 23.01 22.72 16.53
C PHE O 62 22.29 24.07 16.59
N GLY O 63 22.38 24.85 15.51
CA GLY O 63 21.86 26.23 15.56
C GLY O 63 22.44 27.06 16.71
N VAL O 64 23.45 26.51 17.41
CA VAL O 64 24.25 27.27 18.42
C VAL O 64 25.75 27.45 18.03
N PRO O 65 26.47 28.46 18.64
CA PRO O 65 27.95 28.66 18.62
C PRO O 65 28.79 27.64 19.43
N SER O 66 28.31 27.23 20.60
CA SER O 66 28.94 26.15 21.37
C SER O 66 27.89 25.43 22.14
N PHE O 67 28.27 24.23 22.55
CA PHE O 67 27.50 23.38 23.43
C PHE O 67 28.46 22.70 24.42
N SER O 68 27.92 22.34 25.57
CA SER O 68 28.64 21.51 26.53
C SER O 68 28.22 20.06 26.35
N VAL O 69 29.17 19.14 26.34
CA VAL O 69 28.87 17.68 26.21
C VAL O 69 28.04 17.14 27.40
N LYS O 70 28.03 17.86 28.51
CA LYS O 70 27.26 17.43 29.64
C LYS O 70 25.74 17.59 29.36
N GLU O 71 25.43 18.29 28.27
CA GLU O 71 24.04 18.62 27.93
C GLU O 71 23.45 17.52 27.04
N HIS O 72 23.08 16.40 27.67
CA HIS O 72 22.76 15.18 26.92
C HIS O 72 21.52 15.34 26.05
N ARG O 73 20.45 15.93 26.59
CA ARG O 73 19.22 16.10 25.86
C ARG O 73 19.47 16.93 24.60
N LYS O 74 20.14 18.08 24.74
CA LYS O 74 20.45 18.94 23.58
C LYS O 74 21.20 18.21 22.46
N ILE O 75 22.06 17.26 22.84
CA ILE O 75 22.80 16.50 21.88
C ILE O 75 21.91 15.48 21.18
N TYR O 76 21.15 14.67 21.94
CA TYR O 76 20.15 13.76 21.29
C TYR O 76 19.10 14.54 20.48
N THR O 77 18.71 15.72 20.98
CA THR O 77 17.73 16.56 20.27
C THR O 77 18.25 16.87 18.84
N MET O 78 19.49 17.37 18.75
CA MET O 78 20.12 17.61 17.45
C MET O 78 20.04 16.38 16.55
N ILE O 79 20.41 15.20 17.07
CA ILE O 79 20.43 13.97 16.26
C ILE O 79 19.06 13.60 15.75
N TYR O 80 18.09 13.45 16.68
CA TYR O 80 16.75 13.04 16.34
C TYR O 80 16.06 13.99 15.37
N ARG O 81 16.37 15.29 15.44
CA ARG O 81 15.69 16.20 14.56
C ARG O 81 16.34 16.19 13.20
N ASN O 82 17.37 15.35 13.05
CA ASN O 82 18.12 15.30 11.81
C ASN O 82 18.11 13.88 11.24
N LEU O 83 16.93 13.25 11.36
CA LEU O 83 16.69 11.91 10.88
C LEU O 83 15.49 11.88 9.95
N VAL O 84 15.62 11.15 8.84
CA VAL O 84 14.56 11.02 7.84
C VAL O 84 13.43 10.20 8.49
N THR P 1 38.95 15.35 33.01
CA THR P 1 38.15 14.28 32.35
C THR P 1 38.24 14.60 30.88
N SER P 2 38.49 13.60 30.03
CA SER P 2 38.69 13.88 28.62
C SER P 2 37.35 14.10 27.87
N PHE P 3 37.41 14.87 26.80
CA PHE P 3 36.25 14.95 25.88
C PHE P 3 35.87 13.51 25.55
N ALA P 4 36.81 12.66 25.16
CA ALA P 4 36.46 11.23 24.86
C ALA P 4 35.55 10.59 25.95
N GLU P 5 35.97 10.84 27.18
CA GLU P 5 35.29 10.35 28.37
C GLU P 5 33.91 11.01 28.59
N TYR P 6 33.84 12.33 28.49
CA TYR P 6 32.53 13.02 28.52
C TYR P 6 31.64 12.46 27.43
N TRP P 7 32.18 12.42 26.22
CA TRP P 7 31.37 11.89 25.10
C TRP P 7 30.85 10.46 25.38
N ALA P 8 31.67 9.60 25.98
CA ALA P 8 31.20 8.21 26.20
C ALA P 8 29.92 8.12 27.07
N LEU P 9 29.81 9.01 28.05
CA LEU P 9 28.59 9.08 28.89
C LEU P 9 27.30 9.28 28.08
N LEU P 10 27.40 9.73 26.82
CA LEU P 10 26.30 9.67 25.81
C LEU P 10 25.72 8.27 25.37
N SER P 11 26.44 7.19 25.63
CA SER P 11 25.90 5.84 25.41
C SER P 11 26.30 4.91 26.56
CL CL Q . 10.38 -8.80 -31.67
CL CL R . -5.67 7.05 40.86
CL CL S . -18.46 5.46 -24.05
CL CL T . -22.58 -7.50 3.86
CL CL U . -0.17 -29.54 9.65
CL CL V . -19.78 -43.05 -26.95
CL CL W . 25.33 20.23 -0.24
CL CL X . 7.58 26.44 2.00
#